data_5VEH
#
_entry.id   5VEH
#
_cell.length_a   55.288
_cell.length_b   94.984
_cell.length_c   167.599
_cell.angle_alpha   90.000
_cell.angle_beta   90.000
_cell.angle_gamma   90.000
#
_symmetry.space_group_name_H-M   'P 21 21 21'
#
loop_
_entity.id
_entity.type
_entity.pdbx_description
1 polymer 'Kynurenine aminotransferase'
2 non-polymer 'BROMIDE ION'
3 non-polymer GLYCEROL
4 water water
#
_entity_poly.entity_id   1
_entity_poly.type   'polypeptide(L)'
_entity_poly.pdbx_seq_one_letter_code
;MSSTSNETMHNKFDLPKRYQGSTKSVWVEYIQLAAQYKPLNLGQGFPDYHAPKYALNALAAAANSPDPLANQYTRGFGHP
RLVQALSKLYSQLVDRTINPMTEVLVTVGAYEALYATIQGHVDEGDEVIIIEPFFDCYEPMVKAAGGIPRFIPLKPNKTG
GTISSADWVLDNNELEALFNEKTKMIIINTPHNPLGKVMDRAELEVVANLCKKWNVLCVSDEVYEHMVFEPFEHIRICTL
PGMWERTITIGSAG(LLP)TFSLTGWKIGWAYGPEALLKNLQMVHQNCVYTCATPIQEAIAVGFETELKRLKSPECYFNS
ISGELMAKRDYMASFLAEVGMNPTVPQGGYFMVADWSSLDSKVDLTQETDARKDYRFTKWMTKSVGLQGIPPSAFYSEPN
KHLGEDFVRYCFFKKDENLQKAAEILRKWKG
;
_entity_poly.pdbx_strand_id   A,B
#
loop_
_chem_comp.id
_chem_comp.type
_chem_comp.name
_chem_comp.formula
BR non-polymer 'BROMIDE ION' 'Br -1'
GOL non-polymer GLYCEROL 'C3 H8 O3'
#
# COMPACT_ATOMS: atom_id res chain seq x y z
N LYS A 12 25.53 3.41 11.01
CA LYS A 12 25.14 4.31 9.84
C LYS A 12 23.69 4.02 9.35
N PHE A 13 23.25 2.78 9.57
CA PHE A 13 22.00 2.35 8.96
C PHE A 13 20.85 2.18 9.97
N ASP A 14 20.94 2.93 11.07
CA ASP A 14 19.85 3.01 12.04
C ASP A 14 18.62 3.65 11.40
N LEU A 15 17.46 3.52 12.04
CA LEU A 15 16.28 4.23 11.53
C LEU A 15 16.53 5.73 11.46
N PRO A 16 16.02 6.40 10.40
CA PRO A 16 16.04 7.87 10.35
C PRO A 16 15.31 8.46 11.58
N LYS A 17 15.59 9.73 11.93
CA LYS A 17 15.03 10.38 13.11
C LYS A 17 13.50 10.22 13.20
N ARG A 18 12.82 10.50 12.10
CA ARG A 18 11.35 10.55 12.11
C ARG A 18 10.75 9.19 12.46
N TYR A 19 11.56 8.14 12.39
CA TYR A 19 11.13 6.81 12.80
C TYR A 19 11.75 6.30 14.12
N GLN A 20 12.59 7.09 14.77
CA GLN A 20 13.23 6.55 15.99
C GLN A 20 12.26 6.02 17.07
N GLY A 21 12.59 4.89 17.70
CA GLY A 21 11.66 4.24 18.64
C GLY A 21 10.43 3.55 18.05
N SER A 22 10.37 3.39 16.73
CA SER A 22 9.37 2.51 16.09
C SER A 22 9.47 1.10 16.66
N THR A 23 8.31 0.50 16.92
CA THR A 23 8.27 -0.91 17.33
C THR A 23 7.20 -1.63 16.52
N LYS A 24 7.21 -2.96 16.57
CA LYS A 24 6.09 -3.72 16.03
C LYS A 24 4.76 -3.36 16.71
N SER A 25 3.73 -3.36 15.88
CA SER A 25 2.38 -3.25 16.33
C SER A 25 2.04 -4.36 17.36
N VAL A 26 1.10 -4.04 18.24
CA VAL A 26 0.51 -5.00 19.14
C VAL A 26 0.03 -6.31 18.46
N TRP A 27 -0.35 -6.20 17.19
CA TRP A 27 -0.94 -7.34 16.51
C TRP A 27 0.00 -8.51 16.41
N VAL A 28 1.29 -8.22 16.24
CA VAL A 28 2.24 -9.29 16.06
C VAL A 28 2.30 -10.23 17.23
N GLU A 29 2.46 -9.71 18.46
CA GLU A 29 2.59 -10.60 19.58
C GLU A 29 1.27 -11.33 19.87
N TYR A 30 0.12 -10.72 19.52
CA TYR A 30 -1.15 -11.39 19.77
C TYR A 30 -1.43 -12.48 18.73
N ILE A 31 -0.97 -12.26 17.49
CA ILE A 31 -1.05 -13.35 16.46
C ILE A 31 -0.16 -14.53 16.88
N GLN A 32 1.04 -14.25 17.39
CA GLN A 32 1.98 -15.30 17.86
C GLN A 32 1.32 -16.01 19.07
N LEU A 33 0.73 -15.25 20.01
CA LEU A 33 0.05 -15.83 21.15
C LEU A 33 -1.08 -16.76 20.73
N ALA A 34 -1.90 -16.33 19.76
CA ALA A 34 -2.97 -17.18 19.28
C ALA A 34 -2.47 -18.47 18.60
N ALA A 35 -1.35 -18.37 17.88
CA ALA A 35 -0.81 -19.58 17.24
C ALA A 35 -0.31 -20.55 18.31
N GLN A 36 0.24 -20.02 19.40
CA GLN A 36 0.89 -20.89 20.42
C GLN A 36 -0.20 -21.60 21.21
N TYR A 37 -1.30 -20.90 21.56
CA TYR A 37 -2.27 -21.43 22.46
C TYR A 37 -3.58 -21.89 21.83
N LYS A 38 -3.84 -21.47 20.57
CA LYS A 38 -5.07 -21.80 19.89
C LYS A 38 -6.33 -21.62 20.74
N PRO A 39 -6.51 -20.35 21.25
CA PRO A 39 -7.71 -20.00 22.02
C PRO A 39 -8.93 -19.84 21.14
N LEU A 40 -10.09 -19.79 21.78
CA LEU A 40 -11.24 -19.23 21.11
C LEU A 40 -10.85 -17.75 20.92
N ASN A 41 -10.71 -17.35 19.65
CA ASN A 41 -10.10 -16.08 19.36
C ASN A 41 -11.09 -14.98 19.11
N LEU A 42 -11.19 -14.04 20.06
CA LEU A 42 -12.06 -12.86 19.85
C LEU A 42 -11.19 -11.64 19.65
N GLY A 43 -9.95 -11.84 19.23
CA GLY A 43 -9.05 -10.73 19.01
C GLY A 43 -8.93 -10.29 17.57
N GLN A 44 -9.31 -11.12 16.62
CA GLN A 44 -9.18 -10.73 15.18
C GLN A 44 -10.38 -9.77 14.85
N GLY A 45 -10.10 -8.58 14.33
CA GLY A 45 -11.12 -7.66 13.89
C GLY A 45 -11.54 -7.95 12.47
N PHE A 46 -12.05 -9.16 12.24
CA PHE A 46 -12.56 -9.60 10.94
C PHE A 46 -13.41 -10.81 11.17
N PRO A 47 -14.35 -11.12 10.27
CA PRO A 47 -15.24 -12.26 10.56
C PRO A 47 -14.51 -13.59 10.39
N ASP A 48 -14.97 -14.63 11.10
CA ASP A 48 -14.46 -15.97 10.91
C ASP A 48 -15.41 -16.82 10.04
N TYR A 49 -16.23 -16.16 9.23
CA TYR A 49 -17.08 -16.81 8.21
C TYR A 49 -17.01 -15.91 6.98
N HIS A 50 -17.75 -16.24 5.94
CA HIS A 50 -17.52 -15.65 4.64
C HIS A 50 -18.33 -14.41 4.39
N ALA A 51 -17.70 -13.48 3.64
CA ALA A 51 -18.32 -12.24 3.16
C ALA A 51 -19.40 -12.50 2.08
N PRO A 52 -20.21 -11.49 1.72
CA PRO A 52 -21.25 -11.70 0.69
C PRO A 52 -20.70 -12.34 -0.57
N LYS A 53 -21.42 -13.35 -1.03
CA LYS A 53 -20.96 -14.17 -2.13
C LYS A 53 -20.85 -13.39 -3.43
N TYR A 54 -21.69 -12.38 -3.64
CA TYR A 54 -21.63 -11.54 -4.87
C TYR A 54 -20.25 -10.91 -4.97
N ALA A 55 -19.62 -10.60 -3.82
CA ALA A 55 -18.32 -9.89 -3.86
C ALA A 55 -17.20 -10.86 -4.17
N LEU A 56 -17.24 -12.02 -3.52
CA LEU A 56 -16.24 -13.04 -3.81
C LEU A 56 -16.36 -13.46 -5.25
N ASN A 57 -17.59 -13.70 -5.73
CA ASN A 57 -17.74 -14.11 -7.12
C ASN A 57 -17.22 -13.02 -8.05
N ALA A 58 -17.36 -11.73 -7.70
CA ALA A 58 -16.83 -10.66 -8.56
C ALA A 58 -15.28 -10.66 -8.68
N LEU A 59 -14.60 -11.05 -7.63
CA LEU A 59 -13.16 -11.18 -7.68
C LEU A 59 -12.76 -12.36 -8.58
N ALA A 60 -13.45 -13.48 -8.43
CA ALA A 60 -13.16 -14.61 -9.27
C ALA A 60 -13.41 -14.22 -10.76
N ALA A 61 -14.52 -13.53 -11.03
CA ALA A 61 -14.81 -13.08 -12.42
C ALA A 61 -13.72 -12.16 -12.94
N ALA A 62 -13.15 -11.30 -12.10
CA ALA A 62 -12.10 -10.36 -12.57
C ALA A 62 -10.83 -11.20 -12.90
N ALA A 63 -10.50 -12.19 -12.06
CA ALA A 63 -9.34 -13.07 -12.35
C ALA A 63 -9.54 -13.82 -13.67
N ASN A 64 -10.80 -14.24 -13.94
CA ASN A 64 -11.09 -15.05 -15.12
C ASN A 64 -11.49 -14.19 -16.31
N SER A 65 -11.36 -12.87 -16.24
CA SER A 65 -11.96 -11.97 -17.23
C SER A 65 -11.35 -12.27 -18.60
N PRO A 66 -12.21 -12.26 -19.62
CA PRO A 66 -11.61 -12.31 -20.98
C PRO A 66 -10.89 -11.01 -21.42
N ASP A 67 -11.02 -9.93 -20.69
CA ASP A 67 -10.30 -8.70 -20.99
C ASP A 67 -8.86 -8.84 -20.43
N PRO A 68 -7.84 -8.83 -21.31
CA PRO A 68 -6.45 -8.93 -20.78
C PRO A 68 -6.06 -7.77 -19.88
N LEU A 69 -6.74 -6.64 -20.02
CA LEU A 69 -6.42 -5.46 -19.20
C LEU A 69 -7.02 -5.51 -17.77
N ALA A 70 -7.89 -6.49 -17.55
CA ALA A 70 -8.49 -6.70 -16.23
C ALA A 70 -7.46 -6.93 -15.13
N ASN A 71 -6.29 -7.44 -15.50
CA ASN A 71 -5.25 -7.75 -14.54
C ASN A 71 -3.94 -6.98 -14.83
N GLN A 72 -4.05 -5.92 -15.62
CA GLN A 72 -2.96 -4.99 -15.84
C GLN A 72 -3.21 -3.68 -15.14
N TYR A 73 -2.20 -2.82 -15.09
CA TYR A 73 -2.29 -1.55 -14.37
C TYR A 73 -3.55 -0.79 -14.67
N THR A 74 -4.12 -0.20 -13.61
CA THR A 74 -5.21 0.76 -13.79
C THR A 74 -4.83 2.15 -13.34
N ARG A 75 -5.74 3.11 -13.52
CA ARG A 75 -5.49 4.53 -13.22
C ARG A 75 -5.00 4.71 -11.75
N GLY A 76 -3.94 5.51 -11.61
CA GLY A 76 -3.23 5.69 -10.34
C GLY A 76 -4.13 6.20 -9.22
N PHE A 77 -4.96 7.19 -9.50
CA PHE A 77 -5.85 7.75 -8.44
C PHE A 77 -7.08 6.90 -8.18
N GLY A 78 -7.30 5.83 -8.93
CA GLY A 78 -8.40 4.92 -8.71
C GLY A 78 -8.97 4.36 -10.01
N HIS A 79 -9.28 3.08 -10.01
CA HIS A 79 -9.87 2.41 -11.15
C HIS A 79 -11.15 3.15 -11.56
N PRO A 80 -11.31 3.50 -12.83
CA PRO A 80 -12.49 4.33 -13.17
C PRO A 80 -13.85 3.75 -12.76
N ARG A 81 -14.04 2.45 -12.97
CA ARG A 81 -15.35 1.88 -12.60
C ARG A 81 -15.61 2.06 -11.11
N LEU A 82 -14.54 2.01 -10.31
CA LEU A 82 -14.68 2.15 -8.85
C LEU A 82 -14.92 3.59 -8.43
N VAL A 83 -14.14 4.54 -8.96
CA VAL A 83 -14.37 5.92 -8.51
C VAL A 83 -15.73 6.45 -8.99
N GLN A 84 -16.21 5.98 -10.14
CA GLN A 84 -17.58 6.29 -10.58
C GLN A 84 -18.63 5.80 -9.56
N ALA A 85 -18.46 4.57 -9.07
CA ALA A 85 -19.39 3.98 -8.11
C ALA A 85 -19.32 4.69 -6.75
N LEU A 86 -18.10 4.98 -6.30
CA LEU A 86 -17.91 5.67 -5.06
C LEU A 86 -18.58 7.05 -5.13
N SER A 87 -18.37 7.78 -6.22
CA SER A 87 -19.02 9.10 -6.33
C SER A 87 -20.53 8.95 -6.34
N LYS A 88 -21.06 7.93 -7.03
CA LYS A 88 -22.52 7.75 -7.07
C LYS A 88 -23.07 7.50 -5.67
N LEU A 89 -22.36 6.73 -4.84
CA LEU A 89 -22.84 6.47 -3.48
C LEU A 89 -22.70 7.70 -2.57
N TYR A 90 -21.49 8.22 -2.45
CA TYR A 90 -21.26 9.25 -1.48
C TYR A 90 -21.92 10.54 -1.86
N SER A 91 -22.12 10.80 -3.17
CA SER A 91 -22.89 11.99 -3.53
C SER A 91 -24.28 11.99 -2.94
N GLN A 92 -24.95 10.85 -2.95
CA GLN A 92 -26.23 10.69 -2.31
C GLN A 92 -26.13 10.88 -0.84
N LEU A 93 -25.05 10.40 -0.21
CA LEU A 93 -24.98 10.46 1.26
C LEU A 93 -24.65 11.83 1.76
N VAL A 94 -23.84 12.57 1.02
CA VAL A 94 -23.39 13.89 1.47
C VAL A 94 -24.22 15.04 0.84
N ASP A 95 -25.14 14.67 -0.06
CA ASP A 95 -25.99 15.59 -0.82
C ASP A 95 -25.18 16.67 -1.55
N ARG A 96 -24.15 16.23 -2.30
CA ARG A 96 -23.36 17.12 -3.12
C ARG A 96 -22.84 16.21 -4.21
N THR A 97 -22.66 16.69 -5.43
CA THR A 97 -22.11 15.81 -6.45
C THR A 97 -20.58 15.84 -6.29
N ILE A 98 -20.01 14.67 -5.99
CA ILE A 98 -18.59 14.57 -5.76
C ILE A 98 -17.97 14.20 -7.12
N ASN A 99 -16.92 14.90 -7.50
CA ASN A 99 -16.26 14.62 -8.75
C ASN A 99 -15.48 13.28 -8.63
N PRO A 100 -15.84 12.28 -9.44
CA PRO A 100 -15.13 11.01 -9.31
C PRO A 100 -13.64 11.05 -9.63
N MET A 101 -13.18 12.01 -10.45
CA MET A 101 -11.81 12.09 -10.87
C MET A 101 -10.96 12.93 -9.94
N THR A 102 -11.56 13.96 -9.35
CA THR A 102 -10.73 14.89 -8.55
C THR A 102 -11.04 14.94 -7.05
N GLU A 103 -12.12 14.28 -6.62
CA GLU A 103 -12.61 14.42 -5.24
C GLU A 103 -12.75 13.07 -4.58
N VAL A 104 -12.18 12.03 -5.23
CA VAL A 104 -12.09 10.68 -4.64
C VAL A 104 -10.69 10.17 -4.94
N LEU A 105 -10.01 9.59 -3.95
CA LEU A 105 -8.69 8.92 -4.20
C LEU A 105 -8.78 7.51 -3.63
N VAL A 106 -8.53 6.48 -4.47
CA VAL A 106 -8.53 5.09 -3.97
C VAL A 106 -7.12 4.79 -3.47
N THR A 107 -7.08 4.09 -2.35
CA THR A 107 -5.85 3.81 -1.63
C THR A 107 -5.78 2.34 -1.20
N VAL A 108 -4.60 1.92 -0.75
CA VAL A 108 -4.38 0.57 -0.17
C VAL A 108 -4.96 0.55 1.23
N GLY A 109 -6.28 0.31 1.25
CA GLY A 109 -7.07 0.40 2.48
C GLY A 109 -7.29 1.82 2.89
N ALA A 110 -8.17 1.94 3.85
CA ALA A 110 -8.24 3.17 4.68
C ALA A 110 -6.88 3.47 5.32
N TYR A 111 -6.05 2.42 5.54
CA TYR A 111 -4.73 2.63 6.13
C TYR A 111 -3.90 3.58 5.31
N GLU A 112 -3.79 3.33 3.98
CA GLU A 112 -2.98 4.18 3.15
C GLU A 112 -3.70 5.54 2.89
N ALA A 113 -5.03 5.58 2.97
CA ALA A 113 -5.73 6.88 2.84
C ALA A 113 -5.29 7.74 4.06
N LEU A 114 -5.25 7.17 5.26
CA LEU A 114 -4.72 7.89 6.44
C LEU A 114 -3.25 8.31 6.22
N TYR A 115 -2.42 7.41 5.68
CA TYR A 115 -1.05 7.72 5.44
C TYR A 115 -0.92 8.91 4.45
N ALA A 116 -1.65 8.86 3.32
CA ALA A 116 -1.49 9.93 2.31
C ALA A 116 -2.01 11.26 2.89
N THR A 117 -3.06 11.17 3.72
CA THR A 117 -3.65 12.39 4.36
C THR A 117 -2.68 13.01 5.37
N ILE A 118 -2.06 12.18 6.21
CA ILE A 118 -1.19 12.69 7.25
C ILE A 118 0.14 13.14 6.64
N GLN A 119 0.74 12.35 5.73
CA GLN A 119 1.97 12.80 5.03
C GLN A 119 1.69 14.03 4.14
N GLY A 120 0.51 14.13 3.59
CA GLY A 120 0.23 15.23 2.66
C GLY A 120 -0.16 16.52 3.35
N HIS A 121 -0.51 16.45 4.64
CA HIS A 121 -1.01 17.68 5.32
C HIS A 121 -0.39 17.96 6.67
N VAL A 122 0.56 17.15 7.10
CA VAL A 122 1.26 17.40 8.38
C VAL A 122 2.72 17.65 8.05
N ASP A 123 3.17 18.88 8.38
CA ASP A 123 4.56 19.27 8.18
C ASP A 123 5.26 19.33 9.55
N GLU A 124 6.59 19.51 9.55
CA GLU A 124 7.40 19.52 10.78
C GLU A 124 6.83 20.56 11.73
N GLY A 125 6.52 20.14 12.96
CA GLY A 125 6.00 21.06 13.97
C GLY A 125 4.51 21.22 14.02
N ASP A 126 3.78 20.77 12.99
CA ASP A 126 2.35 20.92 13.05
C ASP A 126 1.74 20.05 14.15
N GLU A 127 0.79 20.59 14.88
CA GLU A 127 0.10 19.83 15.94
C GLU A 127 -1.10 19.12 15.38
N VAL A 128 -1.28 17.87 15.87
CA VAL A 128 -2.42 17.06 15.40
C VAL A 128 -3.11 16.50 16.62
N ILE A 129 -4.39 16.80 16.77
CA ILE A 129 -5.18 16.28 17.89
C ILE A 129 -5.65 14.88 17.59
N ILE A 130 -5.37 13.97 18.52
CA ILE A 130 -5.78 12.53 18.43
C ILE A 130 -6.56 12.19 19.66
N ILE A 131 -7.68 11.54 19.44
CA ILE A 131 -8.63 11.13 20.48
C ILE A 131 -8.35 9.69 20.93
N GLU A 132 -8.08 9.48 22.21
CA GLU A 132 -7.81 8.15 22.71
C GLU A 132 -9.12 7.51 23.15
N PRO A 133 -9.25 6.19 23.12
CA PRO A 133 -8.30 5.25 22.50
C PRO A 133 -8.25 5.49 20.99
N PHE A 134 -7.05 5.50 20.42
CA PHE A 134 -6.92 5.82 18.97
C PHE A 134 -6.73 4.55 18.18
N PHE A 135 -7.18 4.57 16.92
CA PHE A 135 -6.75 3.52 15.98
C PHE A 135 -5.23 3.53 15.92
N ASP A 136 -4.62 2.35 15.88
CA ASP A 136 -3.24 2.32 16.29
C ASP A 136 -2.24 3.08 15.41
N CYS A 137 -2.59 3.32 14.16
CA CYS A 137 -1.65 4.02 13.28
C CYS A 137 -1.60 5.54 13.43
N TYR A 138 -2.58 6.13 14.10
CA TYR A 138 -2.66 7.62 14.12
C TYR A 138 -1.38 8.23 14.71
N GLU A 139 -0.96 7.74 15.89
CA GLU A 139 0.25 8.33 16.55
C GLU A 139 1.53 8.15 15.71
N PRO A 140 1.86 6.88 15.29
CA PRO A 140 3.12 6.79 14.51
C PRO A 140 3.11 7.52 13.14
N MET A 141 1.95 7.56 12.49
CA MET A 141 1.91 8.31 11.24
C MET A 141 2.14 9.82 11.46
N VAL A 142 1.50 10.37 12.52
CA VAL A 142 1.73 11.80 12.79
C VAL A 142 3.22 12.06 13.09
N LYS A 143 3.82 11.16 13.88
CA LYS A 143 5.24 11.30 14.28
C LYS A 143 6.17 11.22 13.11
N ALA A 144 5.88 10.29 12.18
CA ALA A 144 6.68 10.12 11.01
C ALA A 144 6.64 11.29 10.05
N ALA A 145 5.54 12.06 10.10
CA ALA A 145 5.35 13.28 9.29
C ALA A 145 6.01 14.52 9.95
N GLY A 146 6.61 14.29 11.11
CA GLY A 146 7.23 15.37 11.92
C GLY A 146 6.20 16.17 12.70
N GLY A 147 4.96 15.69 12.78
CA GLY A 147 3.96 16.33 13.60
C GLY A 147 4.09 16.07 15.09
N ILE A 148 3.35 16.86 15.85
CA ILE A 148 3.35 16.75 17.30
C ILE A 148 1.95 16.33 17.73
N PRO A 149 1.82 15.07 18.19
CA PRO A 149 0.49 14.64 18.56
C PRO A 149 0.04 15.27 19.87
N ARG A 150 -1.25 15.63 19.95
CA ARG A 150 -1.84 16.20 21.15
C ARG A 150 -3.03 15.34 21.52
N PHE A 151 -2.94 14.65 22.65
CA PHE A 151 -3.90 13.59 22.95
C PHE A 151 -4.96 14.04 23.92
N ILE A 152 -6.15 13.52 23.71
CA ILE A 152 -7.29 13.72 24.65
C ILE A 152 -8.11 12.42 24.70
N PRO A 153 -8.38 11.90 25.90
CA PRO A 153 -9.13 10.65 25.91
C PRO A 153 -10.64 10.81 26.04
N LEU A 154 -11.39 9.92 25.40
CA LEU A 154 -12.80 9.62 25.77
C LEU A 154 -12.75 8.88 27.10
N LYS A 155 -13.62 9.23 28.05
CA LYS A 155 -13.67 8.58 29.34
C LYS A 155 -15.11 8.30 29.71
N PRO A 156 -15.39 7.14 30.30
CA PRO A 156 -16.77 6.81 30.65
C PRO A 156 -17.29 7.68 31.81
N ASN A 157 -18.51 8.17 31.61
CA ASN A 157 -19.37 8.87 32.61
C ASN A 157 -19.63 8.12 33.87
N ILE A 163 -23.28 0.00 30.62
CA ILE A 163 -23.08 1.33 30.04
C ILE A 163 -23.05 1.23 28.52
N SER A 164 -23.22 2.38 27.88
CA SER A 164 -23.26 2.51 26.42
C SER A 164 -21.98 3.24 26.00
N SER A 165 -21.54 2.98 24.76
CA SER A 165 -20.47 3.82 24.21
C SER A 165 -20.80 5.33 24.19
N ALA A 166 -22.10 5.66 24.23
CA ALA A 166 -22.50 7.09 24.23
C ALA A 166 -22.02 7.71 25.54
N ASP A 167 -21.81 6.88 26.58
CA ASP A 167 -21.33 7.39 27.89
C ASP A 167 -19.85 7.70 27.96
N TRP A 168 -19.09 7.29 26.93
CA TRP A 168 -17.69 7.65 26.87
C TRP A 168 -17.63 8.97 26.11
N VAL A 169 -17.18 9.99 26.83
CA VAL A 169 -17.23 11.39 26.29
C VAL A 169 -15.89 12.10 26.47
N LEU A 170 -15.71 13.19 25.73
CA LEU A 170 -14.59 14.11 25.92
C LEU A 170 -14.97 15.19 26.90
N ASP A 171 -13.96 15.70 27.58
CA ASP A 171 -14.10 16.91 28.40
C ASP A 171 -13.96 18.06 27.40
N ASN A 172 -15.04 18.79 27.17
CA ASN A 172 -15.05 19.86 26.18
C ASN A 172 -14.11 21.03 26.51
N ASN A 173 -13.99 21.34 27.80
CA ASN A 173 -13.03 22.33 28.25
C ASN A 173 -11.60 21.95 27.91
N GLU A 174 -11.24 20.68 28.17
CA GLU A 174 -9.96 20.07 27.83
C GLU A 174 -9.72 20.16 26.29
N LEU A 175 -10.79 19.87 25.54
CA LEU A 175 -10.68 19.85 24.09
C LEU A 175 -10.46 21.25 23.51
N GLU A 176 -11.30 22.20 23.93
CA GLU A 176 -11.15 23.60 23.56
C GLU A 176 -9.75 24.13 23.84
N ALA A 177 -9.23 23.77 25.00
CA ALA A 177 -7.91 24.18 25.46
C ALA A 177 -6.75 23.61 24.63
N LEU A 178 -6.95 22.43 23.99
CA LEU A 178 -5.94 21.77 23.19
C LEU A 178 -5.82 22.43 21.82
N PHE A 179 -6.89 23.06 21.33
CA PHE A 179 -6.83 23.75 20.05
C PHE A 179 -6.21 25.14 20.15
N ASN A 180 -5.34 25.46 19.20
CA ASN A 180 -4.85 26.83 19.03
C ASN A 180 -4.36 26.97 17.60
N GLU A 181 -3.65 28.05 17.30
CA GLU A 181 -3.27 28.34 15.91
C GLU A 181 -2.28 27.34 15.34
N LYS A 182 -1.62 26.57 16.23
CA LYS A 182 -0.61 25.57 15.82
C LYS A 182 -1.31 24.25 15.45
N THR A 183 -2.60 24.18 15.73
CA THR A 183 -3.32 22.90 15.42
C THR A 183 -3.55 22.87 13.92
N LYS A 184 -3.04 21.83 13.30
CA LYS A 184 -3.14 21.69 11.83
C LYS A 184 -4.29 20.75 11.52
N MET A 185 -4.50 19.74 12.36
CA MET A 185 -5.43 18.64 12.01
C MET A 185 -6.00 18.07 13.28
N ILE A 186 -7.24 17.62 13.24
CA ILE A 186 -7.78 16.69 14.21
C ILE A 186 -8.20 15.45 13.45
N ILE A 187 -7.96 14.27 14.04
CA ILE A 187 -8.48 13.00 13.50
C ILE A 187 -9.61 12.55 14.37
N ILE A 188 -10.78 12.35 13.80
CA ILE A 188 -11.89 11.74 14.51
C ILE A 188 -12.18 10.38 13.86
N ASN A 189 -12.78 9.50 14.63
CA ASN A 189 -13.06 8.12 14.15
C ASN A 189 -14.46 7.82 14.66
N THR A 190 -15.39 7.81 13.74
CA THR A 190 -16.77 7.49 14.13
C THR A 190 -17.40 6.66 13.01
N PRO A 191 -18.05 5.53 13.31
CA PRO A 191 -18.07 4.90 14.65
C PRO A 191 -16.63 4.54 15.09
N HIS A 192 -16.42 4.65 16.39
CA HIS A 192 -15.12 4.57 16.99
C HIS A 192 -14.59 3.15 17.13
N ASN A 193 -13.31 2.98 16.85
CA ASN A 193 -12.64 1.71 17.11
C ASN A 193 -11.71 1.94 18.33
N PRO A 194 -11.95 1.26 19.45
CA PRO A 194 -12.81 0.06 19.56
C PRO A 194 -14.05 0.22 20.42
N LEU A 195 -14.38 1.47 20.78
CA LEU A 195 -15.51 1.64 21.66
C LEU A 195 -16.86 1.41 21.02
N GLY A 196 -16.95 1.69 19.71
CA GLY A 196 -18.20 1.65 18.99
C GLY A 196 -18.97 2.97 19.14
N LYS A 197 -18.35 3.98 19.72
CA LYS A 197 -19.06 5.23 19.94
C LYS A 197 -19.45 5.83 18.58
N VAL A 198 -20.68 6.35 18.50
CA VAL A 198 -21.19 7.02 17.28
C VAL A 198 -21.36 8.45 17.75
N MET A 199 -20.54 9.33 17.21
CA MET A 199 -20.67 10.75 17.57
C MET A 199 -22.05 11.27 17.20
N ASP A 200 -22.73 11.88 18.19
CA ASP A 200 -24.02 12.48 17.90
C ASP A 200 -23.82 13.88 17.31
N ARG A 201 -24.92 14.49 16.88
CA ARG A 201 -24.77 15.79 16.21
C ARG A 201 -24.07 16.90 17.05
N ALA A 202 -24.44 16.98 18.34
CA ALA A 202 -23.79 17.92 19.22
C ALA A 202 -22.29 17.69 19.35
N GLU A 203 -21.86 16.41 19.41
CA GLU A 203 -20.43 16.10 19.48
C GLU A 203 -19.69 16.47 18.16
N LEU A 204 -20.38 16.25 17.03
CA LEU A 204 -19.87 16.67 15.76
C LEU A 204 -19.75 18.20 15.66
N GLU A 205 -20.77 18.92 16.17
CA GLU A 205 -20.68 20.39 16.19
C GLU A 205 -19.54 20.90 17.08
N VAL A 206 -19.29 20.26 18.23
CA VAL A 206 -18.15 20.64 19.04
C VAL A 206 -16.86 20.64 18.21
N VAL A 207 -16.59 19.52 17.52
CA VAL A 207 -15.38 19.43 16.71
C VAL A 207 -15.39 20.42 15.53
N ALA A 208 -16.51 20.48 14.83
CA ALA A 208 -16.63 21.32 13.65
C ALA A 208 -16.43 22.77 14.07
N ASN A 209 -17.01 23.18 15.20
CA ASN A 209 -16.83 24.60 15.62
C ASN A 209 -15.38 24.94 15.95
N LEU A 210 -14.67 24.01 16.60
CA LEU A 210 -13.25 24.25 16.86
C LEU A 210 -12.41 24.25 15.60
N CYS A 211 -12.82 23.41 14.61
CA CYS A 211 -12.09 23.40 13.36
C CYS A 211 -12.25 24.67 12.54
N LYS A 212 -13.47 25.25 12.61
CA LYS A 212 -13.72 26.50 11.88
C LYS A 212 -13.03 27.67 12.63
N LYS A 213 -13.08 27.64 13.97
CA LYS A 213 -12.45 28.67 14.81
C LYS A 213 -10.95 28.75 14.56
N TRP A 214 -10.28 27.58 14.46
CA TRP A 214 -8.84 27.57 14.41
C TRP A 214 -8.25 27.27 13.05
N ASN A 215 -9.11 27.19 12.02
CA ASN A 215 -8.74 26.83 10.65
C ASN A 215 -7.95 25.48 10.63
N VAL A 216 -8.62 24.43 11.15
CA VAL A 216 -8.05 23.09 11.27
C VAL A 216 -8.70 22.18 10.21
N LEU A 217 -7.88 21.26 9.68
CA LEU A 217 -8.35 20.17 8.82
C LEU A 217 -8.92 19.06 9.66
N CYS A 218 -10.13 18.62 9.39
CA CYS A 218 -10.75 17.46 10.08
C CYS A 218 -10.62 16.24 9.22
N VAL A 219 -9.99 15.18 9.75
CA VAL A 219 -9.87 13.91 9.02
C VAL A 219 -10.78 12.96 9.75
N SER A 220 -11.78 12.52 9.02
CA SER A 220 -12.83 11.69 9.60
C SER A 220 -12.72 10.26 9.09
N ASP A 221 -12.35 9.37 10.01
CA ASP A 221 -12.16 7.97 9.67
C ASP A 221 -13.49 7.29 9.90
N GLU A 222 -14.19 6.99 8.80
CA GLU A 222 -15.56 6.53 8.87
C GLU A 222 -15.68 5.12 8.31
N VAL A 223 -14.65 4.31 8.56
CA VAL A 223 -14.70 2.94 7.97
C VAL A 223 -15.92 2.13 8.39
N TYR A 224 -16.40 2.35 9.65
CA TYR A 224 -17.56 1.58 10.18
C TYR A 224 -18.89 2.28 9.90
N GLU A 225 -18.93 3.20 8.92
CA GLU A 225 -20.14 4.00 8.63
C GLU A 225 -21.42 3.21 8.41
N HIS A 226 -21.32 2.00 7.88
CA HIS A 226 -22.55 1.22 7.62
C HIS A 226 -22.97 0.34 8.81
N MET A 227 -22.24 0.37 9.94
CA MET A 227 -22.48 -0.65 10.98
C MET A 227 -23.08 -0.03 12.23
N VAL A 228 -23.90 1.00 12.07
CA VAL A 228 -24.50 1.63 13.26
C VAL A 228 -25.79 0.87 13.65
N PHE A 229 -26.00 0.68 14.96
CA PHE A 229 -27.17 -0.04 15.46
C PHE A 229 -28.31 0.93 15.69
N GLU A 230 -29.51 0.51 15.38
CA GLU A 230 -30.72 1.20 15.85
C GLU A 230 -30.63 1.39 17.39
N PRO A 231 -31.03 2.54 17.95
CA PRO A 231 -31.68 3.67 17.29
C PRO A 231 -30.71 4.79 16.88
N PHE A 232 -29.38 4.53 16.81
CA PHE A 232 -28.39 5.52 16.42
C PHE A 232 -28.25 5.70 14.92
N GLU A 233 -27.54 6.77 14.53
CA GLU A 233 -27.40 7.07 13.13
C GLU A 233 -26.02 7.61 12.82
N HIS A 234 -25.37 7.10 11.76
CA HIS A 234 -24.09 7.66 11.33
C HIS A 234 -24.38 9.03 10.68
N ILE A 235 -23.72 10.06 11.21
CA ILE A 235 -23.77 11.41 10.59
C ILE A 235 -22.37 11.76 10.16
N ARG A 236 -22.22 12.31 8.94
CA ARG A 236 -20.95 12.64 8.33
C ARG A 236 -20.58 14.10 8.60
N ILE A 237 -19.47 14.33 9.31
CA ILE A 237 -19.09 15.68 9.69
C ILE A 237 -18.87 16.60 8.47
N CYS A 238 -18.57 16.01 7.33
CA CYS A 238 -18.33 16.82 6.15
C CYS A 238 -19.56 17.55 5.66
N THR A 239 -20.72 17.14 6.14
CA THR A 239 -22.02 17.81 5.81
C THR A 239 -22.35 19.00 6.71
N LEU A 240 -21.61 19.20 7.79
CA LEU A 240 -21.92 20.30 8.69
C LEU A 240 -21.55 21.65 8.03
N PRO A 241 -22.20 22.75 8.46
CA PRO A 241 -21.92 24.03 7.83
C PRO A 241 -20.41 24.36 7.81
N GLY A 242 -19.93 24.70 6.64
CA GLY A 242 -18.53 25.09 6.46
C GLY A 242 -17.50 23.97 6.56
N MET A 243 -17.97 22.74 6.67
CA MET A 243 -17.02 21.63 6.86
C MET A 243 -16.54 20.95 5.59
N TRP A 244 -17.26 21.08 4.48
CA TRP A 244 -16.84 20.41 3.28
C TRP A 244 -15.46 20.85 2.87
N GLU A 245 -15.19 22.14 2.96
CA GLU A 245 -13.94 22.68 2.51
C GLU A 245 -12.76 22.37 3.41
N ARG A 246 -13.00 21.76 4.59
CA ARG A 246 -11.91 21.47 5.50
C ARG A 246 -11.99 20.07 6.08
N THR A 247 -12.67 19.18 5.39
CA THR A 247 -12.75 17.77 5.81
C THR A 247 -12.26 16.79 4.75
N ILE A 248 -11.53 15.76 5.20
CA ILE A 248 -11.22 14.61 4.34
C ILE A 248 -11.85 13.43 5.06
N THR A 249 -12.72 12.70 4.35
CA THR A 249 -13.47 11.59 4.89
C THR A 249 -12.93 10.31 4.30
N ILE A 250 -12.78 9.29 5.16
CA ILE A 250 -12.08 8.05 4.76
C ILE A 250 -12.99 6.84 5.01
N GLY A 251 -12.99 5.92 4.04
CA GLY A 251 -13.73 4.66 4.11
C GLY A 251 -12.88 3.49 3.63
N SER A 252 -13.43 2.30 3.81
CA SER A 252 -12.70 1.05 3.54
C SER A 252 -13.58 0.00 2.91
N ALA A 253 -13.12 -0.55 1.77
CA ALA A 253 -13.84 -1.70 1.17
C ALA A 253 -13.79 -2.92 2.07
N GLY A 254 -12.66 -3.11 2.77
CA GLY A 254 -12.55 -4.22 3.71
C GLY A 254 -13.59 -4.20 4.78
N1 LLP A 255 -9.32 2.86 10.54
C2 LLP A 255 -10.02 2.13 11.45
C2' LLP A 255 -10.71 2.82 12.60
C3 LLP A 255 -10.15 0.71 11.26
O3 LLP A 255 -10.79 -0.06 12.11
C4 LLP A 255 -9.48 0.12 10.09
C4' LLP A 255 -9.57 -1.34 9.74
C5 LLP A 255 -8.71 0.97 9.26
C6 LLP A 255 -8.62 2.33 9.51
C5' LLP A 255 -7.92 0.39 8.14
OP4 LLP A 255 -8.73 0.01 7.04
P LLP A 255 -8.10 -0.92 5.86
OP1 LLP A 255 -9.07 -0.61 4.79
OP2 LLP A 255 -8.10 -2.37 6.31
OP3 LLP A 255 -6.69 -0.39 5.56
N LLP A 255 -13.83 -3.02 5.34
CA LLP A 255 -14.89 -2.88 6.35
CB LLP A 255 -14.57 -1.76 7.38
CG LLP A 255 -13.10 -1.75 7.84
CD LLP A 255 -12.76 -2.99 8.69
CE LLP A 255 -11.29 -3.09 9.18
NZ LLP A 255 -10.88 -1.86 9.91
C LLP A 255 -16.26 -2.81 5.76
O LLP A 255 -17.18 -3.42 6.34
N THR A 256 -16.45 -2.19 4.60
CA THR A 256 -17.79 -2.12 3.97
C THR A 256 -18.31 -3.49 3.54
N PHE A 257 -17.43 -4.33 2.98
CA PHE A 257 -17.85 -5.61 2.44
C PHE A 257 -17.35 -6.83 3.24
N SER A 258 -16.70 -6.59 4.41
CA SER A 258 -16.23 -7.69 5.28
C SER A 258 -15.18 -8.54 4.59
N LEU A 259 -14.30 -7.85 3.89
CA LEU A 259 -13.21 -8.48 3.14
C LEU A 259 -11.91 -7.80 3.45
N THR A 260 -11.43 -8.00 4.67
CA THR A 260 -10.33 -7.19 5.18
C THR A 260 -9.06 -7.50 4.40
N GLY A 261 -8.94 -8.69 3.77
CA GLY A 261 -7.75 -9.02 3.04
C GLY A 261 -7.67 -8.34 1.69
N TRP A 262 -8.72 -7.57 1.33
CA TRP A 262 -8.68 -6.89 0.04
C TRP A 262 -7.96 -5.59 0.02
N LYS A 263 -7.83 -4.93 1.18
CA LYS A 263 -6.99 -3.71 1.30
C LYS A 263 -7.20 -2.65 0.19
N ILE A 264 -8.43 -2.17 0.12
CA ILE A 264 -8.77 -1.04 -0.74
C ILE A 264 -9.64 -0.10 0.03
N GLY A 265 -9.25 1.16 0.04
CA GLY A 265 -10.11 2.16 0.72
C GLY A 265 -10.04 3.44 -0.05
N TRP A 266 -10.53 4.52 0.56
CA TRP A 266 -10.62 5.81 -0.22
C TRP A 266 -10.67 7.00 0.71
N ALA A 267 -10.27 8.14 0.18
CA ALA A 267 -10.56 9.45 0.77
C ALA A 267 -11.41 10.21 -0.18
N TYR A 268 -12.37 10.98 0.36
CA TYR A 268 -13.12 11.91 -0.52
C TYR A 268 -13.18 13.26 0.17
N GLY A 269 -13.28 14.29 -0.65
CA GLY A 269 -13.35 15.68 -0.17
C GLY A 269 -13.02 16.59 -1.30
N PRO A 270 -12.86 17.87 -1.01
CA PRO A 270 -12.53 18.83 -2.08
C PRO A 270 -11.21 18.55 -2.77
N GLU A 271 -11.20 18.86 -4.06
CA GLU A 271 -9.98 18.68 -4.83
C GLU A 271 -8.76 19.38 -4.20
N ALA A 272 -8.97 20.59 -3.69
CA ALA A 272 -7.85 21.31 -3.11
C ALA A 272 -7.17 20.53 -2.00
N LEU A 273 -7.96 19.79 -1.21
CA LEU A 273 -7.38 18.97 -0.14
C LEU A 273 -6.82 17.65 -0.62
N LEU A 274 -7.49 17.10 -1.62
CA LEU A 274 -7.03 15.81 -2.18
C LEU A 274 -5.76 15.89 -2.98
N LYS A 275 -5.39 17.06 -3.49
CA LYS A 275 -4.16 17.22 -4.23
C LYS A 275 -2.94 16.76 -3.43
N ASN A 276 -2.90 17.11 -2.15
CA ASN A 276 -1.77 16.74 -1.33
C ASN A 276 -1.67 15.22 -1.17
N LEU A 277 -2.83 14.59 -1.01
CA LEU A 277 -2.88 13.13 -0.90
C LEU A 277 -2.39 12.50 -2.22
N GLN A 278 -2.80 13.07 -3.36
CA GLN A 278 -2.36 12.51 -4.64
C GLN A 278 -0.85 12.58 -4.77
N MET A 279 -0.20 13.67 -4.32
CA MET A 279 1.26 13.76 -4.43
C MET A 279 1.97 12.70 -3.61
N VAL A 280 1.39 12.35 -2.47
CA VAL A 280 2.00 11.34 -1.62
C VAL A 280 1.79 9.99 -2.30
N HIS A 281 0.53 9.71 -2.62
CA HIS A 281 0.15 8.40 -3.17
C HIS A 281 0.95 8.04 -4.41
N GLN A 282 1.15 9.01 -5.29
CA GLN A 282 1.73 8.72 -6.63
C GLN A 282 3.18 8.30 -6.53
N ASN A 283 3.83 8.69 -5.45
CA ASN A 283 5.23 8.23 -5.25
C ASN A 283 5.41 7.44 -3.97
N CYS A 284 4.36 6.70 -3.61
CA CYS A 284 4.40 5.74 -2.52
C CYS A 284 4.03 4.37 -3.07
N VAL A 285 2.83 4.23 -3.62
CA VAL A 285 2.39 2.99 -4.23
C VAL A 285 2.06 3.15 -5.73
N TYR A 286 1.79 4.38 -6.15
CA TYR A 286 1.34 4.78 -7.49
C TYR A 286 -0.08 4.33 -7.87
N THR A 287 -0.37 3.04 -7.78
CA THR A 287 -1.70 2.55 -8.17
C THR A 287 -2.05 1.31 -7.33
N CYS A 288 -3.32 0.91 -7.38
CA CYS A 288 -3.80 -0.19 -6.51
C CYS A 288 -4.29 -1.36 -7.38
N ALA A 289 -4.52 -2.53 -6.78
CA ALA A 289 -4.81 -3.71 -7.55
C ALA A 289 -6.07 -3.60 -8.40
N THR A 290 -5.91 -3.86 -9.69
CA THR A 290 -7.00 -3.73 -10.64
C THR A 290 -8.15 -4.74 -10.38
N PRO A 291 -7.89 -6.05 -10.31
CA PRO A 291 -9.07 -6.96 -10.19
C PRO A 291 -9.82 -6.77 -8.90
N ILE A 292 -9.13 -6.37 -7.83
CA ILE A 292 -9.82 -6.11 -6.57
C ILE A 292 -10.71 -4.88 -6.68
N GLN A 293 -10.21 -3.81 -7.29
CA GLN A 293 -11.03 -2.64 -7.48
C GLN A 293 -12.22 -2.89 -8.41
N GLU A 294 -12.02 -3.76 -9.41
CA GLU A 294 -13.12 -4.10 -10.32
C GLU A 294 -14.24 -4.81 -9.50
N ALA A 295 -13.82 -5.78 -8.69
CA ALA A 295 -14.77 -6.55 -7.85
C ALA A 295 -15.52 -5.62 -6.88
N ILE A 296 -14.79 -4.70 -6.26
CA ILE A 296 -15.42 -3.77 -5.34
C ILE A 296 -16.38 -2.88 -6.12
N ALA A 297 -16.00 -2.42 -7.31
CA ALA A 297 -16.91 -1.58 -8.12
C ALA A 297 -18.22 -2.35 -8.40
N VAL A 298 -18.10 -3.62 -8.78
CA VAL A 298 -19.27 -4.48 -8.97
C VAL A 298 -20.08 -4.56 -7.70
N GLY A 299 -19.42 -4.73 -6.56
CA GLY A 299 -20.12 -4.73 -5.26
C GLY A 299 -20.91 -3.46 -5.03
N PHE A 300 -20.30 -2.28 -5.26
CA PHE A 300 -21.02 -1.03 -5.12
C PHE A 300 -22.20 -0.92 -6.10
N GLU A 301 -21.99 -1.34 -7.36
CA GLU A 301 -23.10 -1.23 -8.35
C GLU A 301 -24.23 -2.14 -7.95
N THR A 302 -23.93 -3.30 -7.37
CA THR A 302 -24.95 -4.23 -6.88
C THR A 302 -25.76 -3.54 -5.78
N GLU A 303 -25.09 -2.85 -4.87
CA GLU A 303 -25.81 -2.25 -3.72
C GLU A 303 -26.51 -0.97 -4.12
N LEU A 304 -25.94 -0.27 -5.09
CA LEU A 304 -26.55 0.97 -5.55
C LEU A 304 -27.93 0.72 -6.10
N LYS A 305 -28.17 -0.46 -6.66
CA LYS A 305 -29.49 -0.81 -7.22
C LYS A 305 -30.57 -1.08 -6.18
N ARG A 306 -30.16 -1.34 -4.95
CA ARG A 306 -31.07 -1.75 -3.85
C ARG A 306 -30.79 -1.00 -2.54
N LEU A 307 -30.35 0.25 -2.64
CA LEU A 307 -29.88 0.98 -1.48
C LEU A 307 -30.92 1.18 -0.36
N LYS A 308 -32.18 1.13 -0.72
CA LYS A 308 -33.22 1.40 0.29
C LYS A 308 -33.88 0.08 0.71
N SER A 309 -33.39 -1.04 0.18
CA SER A 309 -33.95 -2.32 0.50
C SER A 309 -33.27 -3.00 1.69
N PRO A 310 -34.01 -3.75 2.55
CA PRO A 310 -33.37 -4.28 3.72
C PRO A 310 -32.25 -5.29 3.45
N GLU A 311 -32.23 -5.92 2.27
CA GLU A 311 -31.19 -6.88 1.99
C GLU A 311 -29.93 -6.23 1.38
N CYS A 312 -29.96 -4.94 1.10
CA CYS A 312 -28.70 -4.21 0.87
C CYS A 312 -27.70 -4.51 2.00
N TYR A 313 -26.44 -4.86 1.71
CA TYR A 313 -25.51 -5.21 2.76
C TYR A 313 -25.21 -4.07 3.70
N PHE A 314 -25.32 -2.86 3.16
CA PHE A 314 -25.13 -1.66 3.97
C PHE A 314 -26.21 -1.54 5.03
N ASN A 315 -27.38 -2.11 4.76
CA ASN A 315 -28.48 -2.06 5.70
C ASN A 315 -28.58 -3.28 6.56
N SER A 316 -28.20 -4.45 6.03
CA SER A 316 -28.36 -5.69 6.76
C SER A 316 -27.25 -5.97 7.77
N ILE A 317 -26.04 -5.44 7.56
CA ILE A 317 -24.91 -5.82 8.43
C ILE A 317 -25.22 -5.44 9.92
N SER A 318 -25.94 -4.33 10.13
CA SER A 318 -26.20 -3.96 11.54
C SER A 318 -27.08 -4.95 12.24
N GLY A 319 -28.15 -5.44 11.60
CA GLY A 319 -28.98 -6.45 12.28
C GLY A 319 -28.29 -7.76 12.48
N GLU A 320 -27.42 -8.11 11.53
CA GLU A 320 -26.62 -9.33 11.66
C GLU A 320 -25.69 -9.22 12.90
N LEU A 321 -25.08 -8.08 13.08
CA LEU A 321 -24.15 -7.88 14.18
C LEU A 321 -24.86 -7.65 15.49
N MET A 322 -26.06 -7.04 15.48
CA MET A 322 -26.66 -6.63 16.76
C MET A 322 -26.98 -7.84 17.65
N ALA A 323 -27.45 -8.93 17.06
CA ALA A 323 -27.73 -10.11 17.87
C ALA A 323 -26.47 -10.63 18.56
N LYS A 324 -25.38 -10.59 17.82
CA LYS A 324 -24.08 -10.99 18.33
C LYS A 324 -23.56 -10.02 19.41
N ARG A 325 -23.71 -8.72 19.18
CA ARG A 325 -23.39 -7.71 20.17
C ARG A 325 -24.12 -7.97 21.48
N ASP A 326 -25.42 -8.20 21.37
CA ASP A 326 -26.21 -8.45 22.56
C ASP A 326 -25.81 -9.71 23.32
N TYR A 327 -25.57 -10.78 22.56
CA TYR A 327 -25.16 -12.05 23.16
C TYR A 327 -23.83 -11.90 23.90
N MET A 328 -22.88 -11.18 23.29
CA MET A 328 -21.60 -10.95 23.97
C MET A 328 -21.78 -10.08 25.24
N ALA A 329 -22.49 -8.96 25.14
CA ALA A 329 -22.69 -8.11 26.30
C ALA A 329 -23.28 -8.94 27.45
N SER A 330 -24.25 -9.80 27.15
CA SER A 330 -24.86 -10.65 28.17
C SER A 330 -23.88 -11.61 28.80
N PHE A 331 -23.07 -12.33 28.00
CA PHE A 331 -22.13 -13.28 28.64
C PHE A 331 -21.00 -12.57 29.41
N LEU A 332 -20.60 -11.39 28.97
CA LEU A 332 -19.55 -10.68 29.66
C LEU A 332 -20.04 -10.13 30.99
N ALA A 333 -21.26 -9.64 31.02
CA ALA A 333 -21.87 -9.16 32.28
C ALA A 333 -22.04 -10.36 33.21
N GLU A 334 -22.34 -11.53 32.65
CA GLU A 334 -22.58 -12.70 33.47
C GLU A 334 -21.34 -13.16 34.21
N VAL A 335 -20.18 -13.08 33.57
CA VAL A 335 -18.92 -13.48 34.24
C VAL A 335 -18.42 -12.42 35.23
N GLY A 336 -18.95 -11.21 35.11
CA GLY A 336 -18.69 -10.12 36.06
C GLY A 336 -17.90 -8.97 35.50
N MET A 337 -17.69 -8.95 34.18
CA MET A 337 -17.19 -7.73 33.56
C MET A 337 -18.32 -6.73 33.38
N ASN A 338 -17.95 -5.48 33.11
CA ASN A 338 -18.96 -4.46 32.83
C ASN A 338 -18.73 -4.04 31.38
N PRO A 339 -19.56 -4.52 30.45
CA PRO A 339 -19.33 -4.18 29.01
C PRO A 339 -19.84 -2.80 28.62
N THR A 340 -19.08 -2.08 27.79
CA THR A 340 -19.61 -0.89 27.12
C THR A 340 -20.30 -1.33 25.83
N VAL A 341 -21.64 -1.20 25.78
CA VAL A 341 -22.40 -1.71 24.64
C VAL A 341 -22.19 -0.72 23.51
N PRO A 342 -21.62 -1.15 22.40
CA PRO A 342 -21.33 -0.19 21.30
C PRO A 342 -22.58 0.28 20.57
N GLN A 343 -22.51 1.52 20.10
CA GLN A 343 -23.58 2.07 19.23
C GLN A 343 -23.42 1.65 17.76
N GLY A 344 -22.21 1.18 17.41
CA GLY A 344 -21.89 0.74 16.04
C GLY A 344 -20.63 -0.12 16.07
N GLY A 345 -20.40 -0.78 14.93
CA GLY A 345 -19.19 -1.61 14.80
C GLY A 345 -19.28 -3.00 15.40
N TYR A 346 -18.14 -3.67 15.44
CA TYR A 346 -18.14 -5.06 15.86
C TYR A 346 -17.12 -5.32 16.96
N PHE A 347 -16.69 -4.27 17.62
CA PHE A 347 -15.89 -4.38 18.84
C PHE A 347 -16.65 -4.04 20.11
N MET A 348 -16.23 -4.67 21.19
CA MET A 348 -16.81 -4.33 22.51
C MET A 348 -15.66 -4.21 23.50
N VAL A 349 -15.61 -3.12 24.22
CA VAL A 349 -14.71 -2.96 25.35
C VAL A 349 -15.47 -3.29 26.64
N ALA A 350 -14.82 -4.00 27.54
CA ALA A 350 -15.43 -4.36 28.82
C ALA A 350 -14.40 -4.10 29.90
N ASP A 351 -14.91 -3.70 31.06
CA ASP A 351 -14.10 -3.49 32.24
C ASP A 351 -14.01 -4.81 33.03
N TRP A 352 -12.80 -5.38 33.10
CA TRP A 352 -12.59 -6.69 33.75
C TRP A 352 -12.13 -6.53 35.19
N SER A 353 -11.93 -5.30 35.65
CA SER A 353 -11.20 -5.04 36.92
C SER A 353 -11.79 -5.71 38.15
N SER A 354 -13.09 -5.98 38.17
CA SER A 354 -13.68 -6.67 39.33
C SER A 354 -13.29 -8.15 39.41
N LEU A 355 -12.66 -8.69 38.37
CA LEU A 355 -12.16 -10.09 38.32
C LEU A 355 -10.73 -10.19 38.81
N ASP A 356 -10.13 -9.08 39.21
CA ASP A 356 -8.69 -9.06 39.38
C ASP A 356 -8.27 -9.91 40.60
N SER A 357 -9.12 -9.94 41.62
CA SER A 357 -8.93 -10.87 42.74
C SER A 357 -9.22 -12.34 42.39
N LYS A 358 -9.62 -12.64 41.15
CA LYS A 358 -9.90 -14.01 40.71
C LYS A 358 -8.99 -14.56 39.62
N VAL A 359 -7.96 -13.78 39.27
CA VAL A 359 -7.01 -14.17 38.22
C VAL A 359 -5.62 -14.04 38.84
N ASP A 360 -4.66 -14.84 38.41
CA ASP A 360 -3.31 -14.71 38.92
C ASP A 360 -2.40 -14.20 37.83
N LEU A 361 -2.06 -12.92 37.88
CA LEU A 361 -1.20 -12.30 36.85
C LEU A 361 0.27 -12.17 37.24
N THR A 362 0.66 -12.92 38.29
CA THR A 362 1.98 -12.73 38.84
C THR A 362 3.10 -13.25 37.96
N GLN A 363 2.82 -14.11 36.98
CA GLN A 363 3.85 -14.53 36.05
C GLN A 363 3.82 -13.78 34.71
N GLU A 364 2.95 -12.76 34.61
CA GLU A 364 2.86 -11.97 33.42
C GLU A 364 3.70 -10.73 33.56
N THR A 365 4.60 -10.55 32.61
CA THR A 365 5.70 -9.59 32.72
C THR A 365 5.47 -8.27 32.01
N ASP A 366 4.40 -8.13 31.24
CA ASP A 366 4.18 -6.83 30.58
C ASP A 366 3.98 -5.67 31.52
N ALA A 367 4.24 -4.48 31.02
CA ALA A 367 4.10 -3.28 31.86
C ALA A 367 2.68 -2.95 32.26
N ARG A 368 1.71 -3.24 31.39
CA ARG A 368 0.35 -2.82 31.63
C ARG A 368 -0.56 -4.01 31.92
N LYS A 369 -1.50 -3.79 32.83
CA LYS A 369 -2.32 -4.85 33.41
C LYS A 369 -3.23 -5.55 32.40
N ASP A 370 -3.66 -4.81 31.37
CA ASP A 370 -4.60 -5.38 30.41
C ASP A 370 -3.84 -6.30 29.46
N TYR A 371 -2.52 -6.05 29.22
CA TYR A 371 -1.69 -7.05 28.53
C TYR A 371 -1.61 -8.28 29.41
N ARG A 372 -1.37 -8.08 30.70
CA ARG A 372 -1.20 -9.24 31.60
C ARG A 372 -2.48 -10.06 31.60
N PHE A 373 -3.62 -9.41 31.73
CA PHE A 373 -4.91 -10.10 31.80
C PHE A 373 -5.24 -10.81 30.50
N THR A 374 -5.10 -10.11 29.36
CA THR A 374 -5.43 -10.77 28.10
C THR A 374 -4.54 -11.96 27.79
N LYS A 375 -3.28 -11.86 28.16
CA LYS A 375 -2.35 -13.01 27.93
C LYS A 375 -2.69 -14.13 28.90
N TRP A 376 -2.91 -13.83 30.17
CA TRP A 376 -3.33 -14.85 31.10
C TRP A 376 -4.61 -15.56 30.66
N MET A 377 -5.58 -14.80 30.17
CA MET A 377 -6.85 -15.41 29.78
C MET A 377 -6.66 -16.36 28.55
N THR A 378 -5.81 -15.98 27.62
CA THR A 378 -5.57 -16.85 26.47
C THR A 378 -4.95 -18.17 26.96
N LYS A 379 -3.95 -18.03 27.83
CA LYS A 379 -3.16 -19.19 28.25
C LYS A 379 -3.92 -20.11 29.19
N SER A 380 -4.70 -19.52 30.12
CA SER A 380 -5.38 -20.28 31.21
C SER A 380 -6.76 -20.77 30.87
N VAL A 381 -7.53 -19.95 30.17
CA VAL A 381 -8.93 -20.15 29.91
C VAL A 381 -9.15 -20.47 28.42
N GLY A 382 -8.19 -20.08 27.57
CA GLY A 382 -8.33 -20.30 26.13
C GLY A 382 -9.30 -19.31 25.47
N LEU A 383 -9.33 -18.07 25.94
CA LEU A 383 -10.19 -17.06 25.32
C LEU A 383 -9.35 -15.80 25.07
N GLN A 384 -9.27 -15.37 23.81
CA GLN A 384 -8.40 -14.26 23.49
C GLN A 384 -9.09 -12.92 23.23
N GLY A 385 -8.68 -11.90 24.01
CA GLY A 385 -9.03 -10.52 23.69
C GLY A 385 -7.77 -9.67 23.53
N ILE A 386 -7.92 -8.34 23.31
CA ILE A 386 -6.81 -7.42 23.02
C ILE A 386 -6.75 -6.32 24.08
N PRO A 387 -5.54 -5.88 24.41
CA PRO A 387 -5.34 -4.85 25.49
C PRO A 387 -5.56 -3.42 24.95
N PRO A 388 -6.62 -2.74 25.44
CA PRO A 388 -6.80 -1.37 24.93
C PRO A 388 -5.79 -0.32 25.37
N SER A 389 -4.96 -0.59 26.36
CA SER A 389 -3.91 0.36 26.69
C SER A 389 -2.95 0.59 25.51
N ALA A 390 -2.92 -0.39 24.56
CA ALA A 390 -2.11 -0.23 23.35
C ALA A 390 -2.54 1.01 22.55
N PHE A 391 -3.73 1.53 22.80
CA PHE A 391 -4.36 2.57 21.98
C PHE A 391 -4.35 3.87 22.75
N TYR A 392 -3.51 3.97 23.78
CA TYR A 392 -3.30 5.23 24.47
C TYR A 392 -1.88 5.68 24.44
N SER A 393 -1.68 7.01 24.50
CA SER A 393 -0.38 7.60 24.74
C SER A 393 0.11 7.14 26.12
N GLU A 394 1.44 7.13 26.25
CA GLU A 394 2.01 6.60 27.49
C GLU A 394 1.40 7.20 28.78
N PRO A 395 1.20 8.55 28.90
CA PRO A 395 0.65 9.09 30.15
C PRO A 395 -0.76 8.77 30.47
N ASN A 396 -1.52 8.34 29.44
CA ASN A 396 -2.90 7.97 29.65
C ASN A 396 -3.19 6.48 29.60
N LYS A 397 -2.13 5.67 29.44
CA LYS A 397 -2.33 4.21 29.38
C LYS A 397 -3.09 3.64 30.57
N HIS A 398 -2.94 4.27 31.76
CA HIS A 398 -3.72 3.83 32.90
C HIS A 398 -5.21 3.75 32.68
N LEU A 399 -5.76 4.57 31.75
CA LEU A 399 -7.17 4.57 31.44
C LEU A 399 -7.64 3.33 30.67
N GLY A 400 -6.70 2.59 30.05
CA GLY A 400 -7.02 1.35 29.35
C GLY A 400 -6.82 0.09 30.18
N GLU A 401 -6.13 0.21 31.34
CA GLU A 401 -5.65 -0.99 32.00
C GLU A 401 -6.76 -1.85 32.59
N ASP A 402 -7.92 -1.25 32.94
CA ASP A 402 -9.03 -2.02 33.45
C ASP A 402 -9.90 -2.67 32.38
N PHE A 403 -9.51 -2.52 31.11
CA PHE A 403 -10.40 -2.92 30.03
C PHE A 403 -9.78 -4.00 29.14
N VAL A 404 -10.65 -4.55 28.32
CA VAL A 404 -10.25 -5.53 27.28
C VAL A 404 -11.16 -5.30 26.09
N ARG A 405 -10.60 -5.47 24.88
CA ARG A 405 -11.40 -5.38 23.61
C ARG A 405 -11.68 -6.77 23.10
N TYR A 406 -12.95 -7.08 22.85
CA TYR A 406 -13.31 -8.33 22.12
C TYR A 406 -13.98 -7.95 20.82
N CYS A 407 -13.95 -8.88 19.84
CA CYS A 407 -14.69 -8.76 18.58
C CYS A 407 -15.83 -9.78 18.57
N PHE A 408 -17.02 -9.33 18.18
CA PHE A 408 -18.17 -10.23 18.11
C PHE A 408 -18.63 -10.53 16.70
N PHE A 409 -17.77 -10.21 15.70
CA PHE A 409 -18.07 -10.58 14.30
C PHE A 409 -17.59 -12.03 14.11
N LYS A 410 -18.31 -12.96 14.72
CA LYS A 410 -17.89 -14.37 14.86
C LYS A 410 -19.07 -15.25 14.64
N LYS A 411 -18.84 -16.43 14.08
CA LYS A 411 -19.89 -17.44 14.03
C LYS A 411 -20.57 -17.65 15.34
N ASP A 412 -21.89 -17.84 15.29
CA ASP A 412 -22.64 -18.09 16.52
C ASP A 412 -22.05 -19.23 17.36
N GLU A 413 -21.59 -20.30 16.70
CA GLU A 413 -21.04 -21.38 17.53
C GLU A 413 -19.75 -20.97 18.28
N ASN A 414 -18.97 -20.05 17.71
CA ASN A 414 -17.80 -19.58 18.46
C ASN A 414 -18.17 -18.61 19.59
N LEU A 415 -19.20 -17.79 19.41
CA LEU A 415 -19.69 -16.96 20.48
C LEU A 415 -20.24 -17.83 21.64
N GLN A 416 -20.92 -18.92 21.26
CA GLN A 416 -21.43 -19.87 22.23
C GLN A 416 -20.25 -20.57 22.94
N LYS A 417 -19.17 -20.91 22.20
CA LYS A 417 -18.01 -21.50 22.86
C LYS A 417 -17.41 -20.52 23.89
N ALA A 418 -17.34 -19.23 23.54
CA ALA A 418 -16.78 -18.24 24.42
C ALA A 418 -17.61 -18.16 25.67
N ALA A 419 -18.94 -18.09 25.49
CA ALA A 419 -19.85 -18.13 26.63
C ALA A 419 -19.64 -19.34 27.54
N GLU A 420 -19.47 -20.51 26.94
CA GLU A 420 -19.30 -21.81 27.68
C GLU A 420 -18.01 -21.71 28.49
N ILE A 421 -16.94 -21.21 27.86
CA ILE A 421 -15.64 -21.07 28.52
C ILE A 421 -15.78 -20.20 29.75
N LEU A 422 -16.44 -19.05 29.62
CA LEU A 422 -16.59 -18.15 30.77
C LEU A 422 -17.51 -18.71 31.85
N ARG A 423 -18.56 -19.42 31.45
CA ARG A 423 -19.48 -20.12 32.39
C ARG A 423 -18.68 -21.17 33.22
N LYS A 424 -17.90 -21.99 32.51
CA LYS A 424 -17.02 -23.00 33.13
C LYS A 424 -16.08 -22.32 34.12
N TRP A 425 -15.51 -21.20 33.74
CA TRP A 425 -14.47 -20.56 34.50
C TRP A 425 -15.03 -19.96 35.78
N LYS A 426 -16.16 -19.28 35.67
CA LYS A 426 -16.85 -18.73 36.84
C LYS A 426 -17.28 -19.85 37.83
N GLY A 427 -17.69 -21.00 37.28
CA GLY A 427 -18.03 -22.19 38.09
C GLY A 427 -16.84 -22.76 38.82
N LYS B 12 -2.59 27.73 4.47
CA LYS B 12 -2.26 26.78 5.61
C LYS B 12 -2.07 25.36 5.10
N PHE B 13 -2.84 25.00 4.06
CA PHE B 13 -2.89 23.60 3.56
C PHE B 13 -2.12 23.32 2.28
N ASP B 14 -1.05 24.08 2.11
CA ASP B 14 -0.06 23.82 1.09
C ASP B 14 0.63 22.49 1.35
N LEU B 15 1.30 21.98 0.33
CA LEU B 15 2.18 20.82 0.46
C LEU B 15 3.23 21.05 1.55
N PRO B 16 3.47 20.05 2.43
CA PRO B 16 4.64 20.15 3.31
C PRO B 16 5.91 20.33 2.50
N LYS B 17 6.92 20.91 3.16
CA LYS B 17 8.23 21.15 2.57
C LYS B 17 8.80 19.96 1.83
N ARG B 18 8.70 18.75 2.40
CA ARG B 18 9.29 17.57 1.72
C ARG B 18 8.66 17.26 0.34
N TYR B 19 7.48 17.86 0.06
CA TYR B 19 6.79 17.69 -1.21
C TYR B 19 6.68 18.98 -2.01
N GLN B 20 7.27 20.09 -1.52
CA GLN B 20 7.18 21.37 -2.26
C GLN B 20 7.67 21.24 -3.71
N GLY B 21 6.94 21.84 -4.64
CA GLY B 21 7.28 21.74 -6.06
C GLY B 21 6.75 20.51 -6.79
N SER B 22 6.15 19.56 -6.04
CA SER B 22 5.55 18.35 -6.64
C SER B 22 4.49 18.64 -7.70
N THR B 23 4.54 17.84 -8.77
CA THR B 23 3.58 17.92 -9.88
C THR B 23 3.13 16.48 -10.19
N LYS B 24 2.08 16.33 -10.99
CA LYS B 24 1.66 14.96 -11.35
C LYS B 24 2.78 14.28 -12.12
N SER B 25 2.94 12.99 -11.83
CA SER B 25 4.01 12.21 -12.41
C SER B 25 3.72 12.02 -13.91
N VAL B 26 4.73 11.55 -14.61
CA VAL B 26 4.62 11.25 -16.03
C VAL B 26 3.48 10.25 -16.24
N TRP B 27 3.32 9.32 -15.31
CA TRP B 27 2.33 8.24 -15.44
C TRP B 27 0.92 8.83 -15.24
N VAL B 28 0.70 9.66 -14.20
CA VAL B 28 -0.64 10.29 -14.04
C VAL B 28 -1.00 11.05 -15.32
N GLU B 29 -0.01 11.74 -15.87
CA GLU B 29 -0.19 12.55 -17.08
C GLU B 29 -0.46 11.67 -18.30
N TYR B 30 0.34 10.62 -18.50
CA TYR B 30 0.22 9.80 -19.72
C TYR B 30 -0.92 8.80 -19.79
N ILE B 31 -1.26 8.21 -18.64
CA ILE B 31 -2.47 7.38 -18.50
C ILE B 31 -3.70 8.22 -18.85
N GLN B 32 -3.72 9.50 -18.47
CA GLN B 32 -4.86 10.41 -18.81
C GLN B 32 -4.89 10.69 -20.33
N LEU B 33 -3.71 10.88 -20.91
CA LEU B 33 -3.61 11.16 -22.33
C LEU B 33 -4.15 9.95 -23.07
N ALA B 34 -3.79 8.73 -22.61
CA ALA B 34 -4.18 7.48 -23.26
C ALA B 34 -5.71 7.31 -23.18
N ALA B 35 -6.29 7.63 -22.03
CA ALA B 35 -7.77 7.54 -21.81
C ALA B 35 -8.49 8.54 -22.72
N GLN B 36 -7.86 9.70 -22.95
CA GLN B 36 -8.44 10.78 -23.75
C GLN B 36 -8.35 10.42 -25.24
N TYR B 37 -7.23 9.91 -25.70
CA TYR B 37 -7.10 9.79 -27.18
C TYR B 37 -7.17 8.39 -27.72
N LYS B 38 -7.22 7.43 -26.79
CA LYS B 38 -7.29 5.99 -27.10
C LYS B 38 -6.31 5.57 -28.23
N PRO B 39 -5.00 5.92 -28.09
CA PRO B 39 -4.03 5.62 -29.11
C PRO B 39 -3.72 4.12 -28.99
N LEU B 40 -2.99 3.58 -29.95
CA LEU B 40 -2.28 2.31 -29.70
C LEU B 40 -1.21 2.53 -28.60
N ASN B 41 -1.34 1.85 -27.48
CA ASN B 41 -0.65 2.27 -26.28
C ASN B 41 0.63 1.44 -26.22
N LEU B 42 1.77 2.05 -26.61
CA LEU B 42 3.10 1.43 -26.45
C LEU B 42 3.90 2.19 -25.39
N GLY B 43 3.15 2.81 -24.47
CA GLY B 43 3.71 3.58 -23.32
C GLY B 43 4.15 2.78 -22.09
N GLN B 44 3.35 2.88 -21.02
CA GLN B 44 3.56 2.11 -19.80
C GLN B 44 3.73 0.62 -20.08
N GLY B 45 4.64 -0.02 -19.38
CA GLY B 45 4.91 -1.44 -19.73
C GLY B 45 3.90 -2.38 -19.12
N PHE B 46 3.15 -3.05 -19.99
CA PHE B 46 2.28 -4.16 -19.60
C PHE B 46 1.91 -4.88 -20.88
N PRO B 47 1.55 -6.17 -20.81
CA PRO B 47 1.09 -6.88 -22.00
C PRO B 47 -0.36 -6.56 -22.33
N ASP B 48 -0.67 -6.59 -23.61
CA ASP B 48 -2.07 -6.40 -24.08
C ASP B 48 -2.73 -7.76 -24.39
N TYR B 49 -2.23 -8.81 -23.73
CA TYR B 49 -2.76 -10.14 -23.90
C TYR B 49 -2.59 -10.89 -22.60
N HIS B 50 -3.28 -12.01 -22.45
CA HIS B 50 -3.31 -12.73 -21.14
C HIS B 50 -1.98 -13.23 -20.61
N ALA B 51 -1.85 -13.12 -19.28
CA ALA B 51 -0.73 -13.63 -18.51
C ALA B 51 -0.88 -15.13 -18.32
N PRO B 52 0.12 -15.83 -17.74
CA PRO B 52 0.01 -17.28 -17.52
C PRO B 52 -1.30 -17.68 -16.82
N LYS B 53 -2.00 -18.62 -17.45
CA LYS B 53 -3.27 -19.14 -16.92
C LYS B 53 -3.12 -19.65 -15.48
N TYR B 54 -2.01 -20.28 -15.11
CA TYR B 54 -1.93 -20.86 -13.79
C TYR B 54 -2.05 -19.78 -12.70
N ALA B 55 -1.57 -18.56 -13.02
CA ALA B 55 -1.63 -17.47 -12.05
C ALA B 55 -3.04 -16.93 -11.92
N LEU B 56 -3.70 -16.71 -13.06
CA LEU B 56 -5.08 -16.21 -13.05
C LEU B 56 -6.01 -17.22 -12.37
N ASN B 57 -5.80 -18.51 -12.66
CA ASN B 57 -6.57 -19.54 -11.98
C ASN B 57 -6.41 -19.51 -10.48
N ALA B 58 -5.17 -19.22 -10.03
CA ALA B 58 -4.87 -19.26 -8.61
C ALA B 58 -5.60 -18.07 -7.95
N LEU B 59 -5.72 -16.96 -8.64
CA LEU B 59 -6.48 -15.84 -8.03
C LEU B 59 -7.97 -16.18 -7.92
N ALA B 60 -8.53 -16.76 -8.96
CA ALA B 60 -9.91 -17.18 -8.85
C ALA B 60 -10.10 -18.19 -7.74
N ALA B 61 -9.14 -19.12 -7.58
CA ALA B 61 -9.24 -20.14 -6.54
C ALA B 61 -9.20 -19.49 -5.16
N ALA B 62 -8.40 -18.43 -5.00
CA ALA B 62 -8.32 -17.74 -3.68
C ALA B 62 -9.63 -16.97 -3.42
N ALA B 63 -10.17 -16.32 -4.45
CA ALA B 63 -11.50 -15.70 -4.30
C ALA B 63 -12.55 -16.69 -3.91
N ASN B 64 -12.45 -17.88 -4.49
CA ASN B 64 -13.47 -18.94 -4.27
C ASN B 64 -13.13 -19.85 -3.08
N SER B 65 -12.10 -19.54 -2.30
CA SER B 65 -11.58 -20.49 -1.29
C SER B 65 -12.66 -20.82 -0.27
N PRO B 66 -12.74 -22.09 0.17
CA PRO B 66 -13.61 -22.41 1.33
C PRO B 66 -13.02 -21.96 2.67
N ASP B 67 -11.77 -21.49 2.68
CA ASP B 67 -11.12 -21.06 3.92
C ASP B 67 -11.50 -19.59 4.13
N PRO B 68 -12.23 -19.31 5.22
CA PRO B 68 -12.68 -17.91 5.46
C PRO B 68 -11.49 -16.99 5.82
N LEU B 69 -10.29 -17.52 6.01
CA LEU B 69 -9.13 -16.65 6.21
C LEU B 69 -8.52 -16.18 4.90
N ALA B 70 -8.94 -16.75 3.78
CA ALA B 70 -8.27 -16.45 2.50
C ALA B 70 -8.51 -15.04 2.00
N ASN B 71 -9.60 -14.44 2.48
CA ASN B 71 -9.97 -13.08 2.08
C ASN B 71 -9.95 -12.06 3.23
N GLN B 72 -9.35 -12.44 4.36
CA GLN B 72 -9.16 -11.55 5.49
C GLN B 72 -7.69 -11.23 5.69
N TYR B 73 -7.40 -10.25 6.55
CA TYR B 73 -6.06 -9.78 6.75
C TYR B 73 -5.06 -10.92 6.92
N THR B 74 -3.92 -10.75 6.26
CA THR B 74 -2.79 -11.65 6.48
C THR B 74 -1.62 -10.91 7.12
N ARG B 75 -0.58 -11.67 7.41
CA ARG B 75 0.62 -11.20 8.09
C ARG B 75 1.17 -9.90 7.45
N GLY B 76 1.39 -8.88 8.26
CA GLY B 76 1.82 -7.59 7.78
C GLY B 76 3.09 -7.55 6.93
N PHE B 77 4.09 -8.32 7.32
CA PHE B 77 5.37 -8.30 6.58
C PHE B 77 5.33 -9.21 5.36
N GLY B 78 4.23 -9.93 5.16
CA GLY B 78 4.01 -10.79 3.95
C GLY B 78 3.26 -12.04 4.29
N HIS B 79 2.37 -12.47 3.42
CA HIS B 79 1.61 -13.70 3.60
C HIS B 79 2.60 -14.88 3.73
N PRO B 80 2.43 -15.71 4.79
CA PRO B 80 3.42 -16.78 5.02
C PRO B 80 3.68 -17.68 3.79
N ARG B 81 2.65 -18.08 3.04
CA ARG B 81 2.90 -18.98 1.87
C ARG B 81 3.79 -18.28 0.82
N LEU B 82 3.58 -16.96 0.69
CA LEU B 82 4.36 -16.20 -0.28
C LEU B 82 5.80 -16.02 0.15
N VAL B 83 6.04 -15.62 1.43
CA VAL B 83 7.43 -15.35 1.81
C VAL B 83 8.22 -16.68 1.83
N GLN B 84 7.53 -17.77 2.13
CA GLN B 84 8.18 -19.11 2.06
C GLN B 84 8.61 -19.41 0.63
N ALA B 85 7.71 -19.17 -0.34
CA ALA B 85 8.06 -19.36 -1.77
C ALA B 85 9.16 -18.45 -2.22
N LEU B 86 9.09 -17.18 -1.84
CA LEU B 86 10.14 -16.28 -2.19
C LEU B 86 11.50 -16.67 -1.66
N SER B 87 11.55 -17.03 -0.36
CA SER B 87 12.84 -17.55 0.22
C SER B 87 13.34 -18.78 -0.53
N LYS B 88 12.45 -19.66 -0.90
CA LYS B 88 12.84 -20.88 -1.60
C LYS B 88 13.47 -20.57 -2.95
N LEU B 89 12.84 -19.68 -3.73
CA LEU B 89 13.42 -19.28 -5.00
C LEU B 89 14.71 -18.52 -4.82
N TYR B 90 14.72 -17.44 -4.05
CA TYR B 90 15.87 -16.59 -3.98
C TYR B 90 17.06 -17.19 -3.24
N SER B 91 16.80 -18.14 -2.34
CA SER B 91 17.91 -18.85 -1.64
C SER B 91 18.72 -19.61 -2.69
N GLN B 92 18.04 -20.22 -3.67
CA GLN B 92 18.74 -20.94 -4.78
C GLN B 92 19.53 -19.97 -5.64
N LEU B 93 18.91 -18.85 -6.03
CA LEU B 93 19.55 -17.84 -6.89
C LEU B 93 20.71 -17.13 -6.27
N VAL B 94 20.68 -16.88 -4.96
CA VAL B 94 21.71 -16.11 -4.28
C VAL B 94 22.71 -16.98 -3.49
N ASP B 95 22.45 -18.28 -3.48
CA ASP B 95 23.29 -19.27 -2.84
C ASP B 95 23.45 -18.99 -1.35
N ARG B 96 22.33 -18.74 -0.67
CA ARG B 96 22.33 -18.58 0.80
C ARG B 96 20.96 -18.90 1.29
N THR B 97 20.82 -19.22 2.57
CA THR B 97 19.49 -19.44 3.16
C THR B 97 18.91 -18.09 3.57
N ILE B 98 17.90 -17.64 2.85
CA ILE B 98 17.24 -16.36 3.17
C ILE B 98 16.11 -16.64 4.14
N ASN B 99 16.12 -15.96 5.28
CA ASN B 99 15.12 -16.20 6.32
C ASN B 99 13.75 -15.62 5.82
N PRO B 100 12.74 -16.50 5.65
CA PRO B 100 11.47 -15.97 5.07
C PRO B 100 10.82 -14.90 5.96
N MET B 101 11.07 -14.94 7.28
CA MET B 101 10.37 -14.05 8.20
C MET B 101 11.10 -12.73 8.42
N THR B 102 12.42 -12.75 8.37
CA THR B 102 13.17 -11.55 8.69
C THR B 102 13.95 -10.89 7.54
N GLU B 103 14.08 -11.62 6.39
CA GLU B 103 14.92 -11.18 5.29
C GLU B 103 14.13 -11.00 3.99
N VAL B 104 12.80 -11.10 4.12
CA VAL B 104 11.89 -10.82 2.98
C VAL B 104 10.81 -9.89 3.48
N LEU B 105 10.43 -8.89 2.70
CA LEU B 105 9.23 -8.09 3.03
C LEU B 105 8.39 -7.99 1.76
N VAL B 106 7.10 -8.33 1.84
CA VAL B 106 6.14 -8.13 0.72
C VAL B 106 5.54 -6.72 0.74
N THR B 107 5.44 -6.14 -0.45
CA THR B 107 5.04 -4.76 -0.55
C THR B 107 4.05 -4.57 -1.71
N VAL B 108 3.40 -3.38 -1.73
CA VAL B 108 2.49 -3.07 -2.83
C VAL B 108 3.31 -2.65 -4.06
N GLY B 109 3.65 -3.69 -4.85
CA GLY B 109 4.54 -3.55 -5.99
C GLY B 109 5.96 -3.32 -5.54
N ALA B 110 6.83 -3.36 -6.54
CA ALA B 110 8.17 -2.83 -6.34
C ALA B 110 8.14 -1.35 -6.02
N TYR B 111 7.06 -0.61 -6.35
CA TYR B 111 6.96 0.78 -5.93
C TYR B 111 7.05 0.93 -4.43
N GLU B 112 6.21 0.20 -3.70
CA GLU B 112 6.26 0.39 -2.25
C GLU B 112 7.54 -0.23 -1.65
N ALA B 113 8.17 -1.19 -2.32
CA ALA B 113 9.46 -1.72 -1.81
C ALA B 113 10.51 -0.63 -1.90
N LEU B 114 10.52 0.10 -3.03
CA LEU B 114 11.43 1.30 -3.19
C LEU B 114 11.11 2.35 -2.13
N TYR B 115 9.82 2.59 -1.90
CA TYR B 115 9.40 3.56 -0.91
C TYR B 115 9.89 3.19 0.48
N ALA B 116 9.63 1.96 0.88
CA ALA B 116 10.02 1.51 2.24
C ALA B 116 11.54 1.59 2.40
N THR B 117 12.24 1.23 1.32
CA THR B 117 13.70 1.23 1.34
C THR B 117 14.24 2.62 1.51
N ILE B 118 13.72 3.53 0.70
CA ILE B 118 14.24 4.90 0.68
C ILE B 118 13.85 5.66 1.92
N GLN B 119 12.58 5.59 2.30
CA GLN B 119 12.18 6.13 3.59
C GLN B 119 12.91 5.50 4.76
N GLY B 120 13.18 4.21 4.69
CA GLY B 120 13.75 3.49 5.80
C GLY B 120 15.23 3.74 5.99
N HIS B 121 15.90 4.20 4.96
CA HIS B 121 17.37 4.32 5.00
C HIS B 121 17.92 5.65 4.58
N VAL B 122 17.06 6.64 4.27
CA VAL B 122 17.51 7.99 3.88
C VAL B 122 16.98 9.00 4.90
N ASP B 123 17.91 9.66 5.58
CA ASP B 123 17.57 10.70 6.56
C ASP B 123 17.98 12.05 5.97
N GLU B 124 17.58 13.13 6.62
CA GLU B 124 17.88 14.47 6.17
C GLU B 124 19.37 14.66 5.92
N GLY B 125 19.67 15.10 4.70
CA GLY B 125 21.05 15.37 4.25
C GLY B 125 21.87 14.21 3.73
N ASP B 126 21.36 12.97 3.85
CA ASP B 126 22.05 11.81 3.26
C ASP B 126 22.04 11.97 1.75
N GLU B 127 23.17 11.72 1.12
CA GLU B 127 23.23 11.76 -0.34
C GLU B 127 22.90 10.38 -0.93
N VAL B 128 22.16 10.41 -2.05
CA VAL B 128 21.78 9.19 -2.73
C VAL B 128 22.17 9.32 -4.18
N ILE B 129 22.99 8.40 -4.68
CA ILE B 129 23.40 8.34 -6.05
C ILE B 129 22.34 7.64 -6.90
N ILE B 130 21.94 8.36 -7.93
CA ILE B 130 20.96 7.86 -8.92
C ILE B 130 21.61 7.91 -10.31
N ILE B 131 21.44 6.82 -11.06
CA ILE B 131 21.98 6.66 -12.40
C ILE B 131 20.90 7.02 -13.42
N GLU B 132 21.18 8.02 -14.25
CA GLU B 132 20.26 8.43 -15.31
C GLU B 132 20.48 7.64 -16.59
N PRO B 133 19.43 7.42 -17.39
CA PRO B 133 18.05 7.76 -17.06
C PRO B 133 17.54 6.81 -16.00
N PHE B 134 16.73 7.32 -15.09
CA PHE B 134 16.30 6.51 -13.95
C PHE B 134 14.80 6.32 -13.96
N PHE B 135 14.36 5.17 -13.45
CA PHE B 135 12.93 4.99 -13.23
C PHE B 135 12.46 6.16 -12.37
N ASP B 136 11.38 6.81 -12.75
CA ASP B 136 11.21 8.21 -12.37
C ASP B 136 10.91 8.43 -10.91
N CYS B 137 10.44 7.39 -10.20
CA CYS B 137 10.14 7.55 -8.76
C CYS B 137 11.35 7.71 -7.88
N TYR B 138 12.55 7.36 -8.37
CA TYR B 138 13.71 7.44 -7.47
C TYR B 138 13.92 8.83 -6.91
N GLU B 139 13.88 9.82 -7.77
CA GLU B 139 14.18 11.19 -7.31
C GLU B 139 13.17 11.74 -6.27
N PRO B 140 11.84 11.71 -6.57
CA PRO B 140 10.90 12.29 -5.61
C PRO B 140 10.86 11.45 -4.32
N MET B 141 11.10 10.14 -4.35
CA MET B 141 11.22 9.34 -3.13
C MET B 141 12.41 9.78 -2.30
N VAL B 142 13.57 9.98 -2.94
CA VAL B 142 14.72 10.52 -2.19
C VAL B 142 14.42 11.89 -1.57
N LYS B 143 13.81 12.77 -2.36
CA LYS B 143 13.51 14.11 -1.88
C LYS B 143 12.50 14.09 -0.74
N ALA B 144 11.51 13.18 -0.78
CA ALA B 144 10.52 13.13 0.31
C ALA B 144 11.12 12.65 1.62
N ALA B 145 12.23 11.92 1.51
CA ALA B 145 12.91 11.37 2.70
C ALA B 145 13.91 12.39 3.25
N GLY B 146 14.05 13.52 2.56
CA GLY B 146 15.00 14.61 2.90
C GLY B 146 16.38 14.37 2.37
N GLY B 147 16.53 13.34 1.55
CA GLY B 147 17.82 13.07 0.93
C GLY B 147 18.24 14.07 -0.15
N ILE B 148 19.50 13.98 -0.56
CA ILE B 148 20.06 14.84 -1.61
C ILE B 148 20.49 13.94 -2.75
N PRO B 149 19.68 13.91 -3.84
CA PRO B 149 20.06 13.04 -4.96
C PRO B 149 21.29 13.57 -5.65
N ARG B 150 22.17 12.67 -6.10
CA ARG B 150 23.32 13.04 -6.94
C ARG B 150 23.25 12.15 -8.19
N PHE B 151 23.33 12.77 -9.35
CA PHE B 151 23.03 12.10 -10.61
C PHE B 151 24.26 11.90 -11.45
N ILE B 152 24.31 10.77 -12.15
CA ILE B 152 25.33 10.51 -13.16
C ILE B 152 24.63 9.80 -14.35
N PRO B 153 24.82 10.28 -15.57
CA PRO B 153 24.17 9.65 -16.73
C PRO B 153 24.93 8.52 -17.41
N LEU B 154 24.22 7.47 -17.80
CA LEU B 154 24.68 6.56 -18.85
C LEU B 154 24.64 7.32 -20.19
N LYS B 155 25.67 7.16 -20.99
CA LYS B 155 25.76 7.81 -22.31
C LYS B 155 26.25 6.79 -23.33
N PRO B 156 25.68 6.85 -24.56
CA PRO B 156 26.08 5.90 -25.60
C PRO B 156 27.51 6.21 -26.10
N ASN B 157 28.34 5.18 -26.21
CA ASN B 157 29.75 5.32 -26.69
C ASN B 157 29.97 5.05 -28.20
N ILE B 163 22.56 0.49 -32.26
CA ILE B 163 23.44 0.20 -31.13
C ILE B 163 22.82 -0.73 -30.06
N SER B 164 23.60 -1.08 -29.05
CA SER B 164 23.18 -1.98 -28.00
C SER B 164 23.07 -1.19 -26.73
N SER B 165 22.18 -1.64 -25.83
CA SER B 165 22.21 -1.04 -24.49
C SER B 165 23.52 -1.25 -23.77
N ALA B 166 24.33 -2.21 -24.24
CA ALA B 166 25.64 -2.43 -23.59
C ALA B 166 26.49 -1.18 -23.84
N ASP B 167 26.20 -0.45 -24.91
CA ASP B 167 27.03 0.69 -25.35
C ASP B 167 26.69 1.94 -24.54
N TRP B 168 25.64 1.87 -23.70
CA TRP B 168 25.36 2.97 -22.80
C TRP B 168 26.10 2.71 -21.52
N VAL B 169 27.07 3.57 -21.22
CA VAL B 169 27.98 3.32 -20.10
C VAL B 169 28.16 4.58 -19.28
N LEU B 170 28.52 4.43 -18.00
CA LEU B 170 28.86 5.62 -17.22
C LEU B 170 30.39 5.85 -17.24
N ASP B 171 30.79 7.08 -16.96
CA ASP B 171 32.20 7.39 -16.74
C ASP B 171 32.57 7.00 -15.32
N ASN B 172 33.50 6.04 -15.15
CA ASN B 172 33.87 5.53 -13.83
C ASN B 172 34.52 6.55 -12.92
N ASN B 173 35.26 7.47 -13.53
CA ASN B 173 35.85 8.59 -12.81
C ASN B 173 34.81 9.51 -12.21
N GLU B 174 33.78 9.88 -13.01
CA GLU B 174 32.61 10.68 -12.57
C GLU B 174 31.85 9.91 -11.46
N LEU B 175 31.78 8.59 -11.57
CA LEU B 175 31.04 7.82 -10.56
C LEU B 175 31.78 7.86 -9.23
N GLU B 176 33.09 7.61 -9.30
CA GLU B 176 33.91 7.65 -8.08
C GLU B 176 33.86 9.02 -7.43
N ALA B 177 33.87 10.08 -8.23
CA ALA B 177 33.83 11.45 -7.74
C ALA B 177 32.54 11.74 -6.95
N LEU B 178 31.49 11.00 -7.23
CA LEU B 178 30.26 11.18 -6.50
C LEU B 178 30.25 10.61 -5.08
N PHE B 179 31.13 9.63 -4.83
CA PHE B 179 31.18 8.97 -3.52
C PHE B 179 31.98 9.81 -2.51
N ASN B 180 31.42 9.97 -1.32
CA ASN B 180 32.01 10.86 -0.28
C ASN B 180 31.40 10.47 1.07
N GLU B 181 31.83 11.11 2.17
CA GLU B 181 31.41 10.74 3.53
C GLU B 181 29.89 10.84 3.78
N LYS B 182 29.20 11.62 2.95
CA LYS B 182 27.76 11.86 3.07
C LYS B 182 26.93 10.87 2.26
N THR B 183 27.58 10.11 1.36
CA THR B 183 26.83 9.16 0.55
C THR B 183 26.29 8.03 1.39
N LYS B 184 24.97 7.83 1.33
CA LYS B 184 24.29 6.83 2.15
C LYS B 184 23.90 5.60 1.30
N MET B 185 23.52 5.91 0.04
CA MET B 185 22.86 4.91 -0.81
C MET B 185 23.19 5.18 -2.24
N ILE B 186 23.26 4.09 -3.03
CA ILE B 186 23.23 4.19 -4.50
C ILE B 186 22.11 3.25 -4.95
N ILE B 187 21.29 3.72 -5.89
CA ILE B 187 20.22 2.89 -6.47
C ILE B 187 20.68 2.42 -7.86
N ILE B 188 20.70 1.11 -8.09
CA ILE B 188 20.95 0.55 -9.45
C ILE B 188 19.71 -0.14 -9.91
N ASN B 189 19.55 -0.23 -11.22
CA ASN B 189 18.36 -0.85 -11.85
C ASN B 189 18.86 -1.70 -13.03
N THR B 190 18.82 -3.00 -12.81
CA THR B 190 19.28 -3.91 -13.85
C THR B 190 18.41 -5.17 -13.83
N PRO B 191 17.86 -5.57 -14.98
CA PRO B 191 17.92 -4.85 -16.26
C PRO B 191 17.28 -3.49 -16.16
N HIS B 192 17.78 -2.55 -16.94
CA HIS B 192 17.51 -1.16 -16.76
C HIS B 192 16.24 -0.69 -17.48
N ASN B 193 15.45 0.16 -16.81
CA ASN B 193 14.35 0.89 -17.48
C ASN B 193 14.81 2.35 -17.59
N PRO B 194 14.91 2.97 -18.77
CA PRO B 194 14.25 2.54 -20.03
C PRO B 194 15.16 1.83 -21.06
N LEU B 195 16.46 1.70 -20.80
CA LEU B 195 17.35 1.23 -21.87
C LEU B 195 17.40 -0.24 -22.12
N GLY B 196 17.07 -1.06 -21.11
CA GLY B 196 17.26 -2.51 -21.18
C GLY B 196 18.70 -2.97 -20.95
N LYS B 197 19.50 -2.05 -20.45
CA LYS B 197 20.89 -2.37 -20.12
C LYS B 197 20.97 -3.45 -19.05
N VAL B 198 21.85 -4.41 -19.26
CA VAL B 198 22.08 -5.47 -18.31
C VAL B 198 23.50 -5.25 -17.82
N MET B 199 23.65 -4.91 -16.54
CA MET B 199 25.04 -4.61 -16.07
C MET B 199 25.82 -5.90 -16.11
N ASP B 200 27.05 -5.81 -16.65
CA ASP B 200 27.96 -6.95 -16.67
C ASP B 200 28.73 -6.99 -15.35
N ARG B 201 29.52 -8.05 -15.18
CA ARG B 201 30.20 -8.25 -13.90
C ARG B 201 31.14 -7.09 -13.59
N ALA B 202 31.89 -6.62 -14.59
CA ALA B 202 32.81 -5.48 -14.40
C ALA B 202 32.06 -4.24 -13.89
N GLU B 203 30.89 -3.99 -14.49
CA GLU B 203 30.05 -2.83 -14.08
C GLU B 203 29.51 -2.99 -12.67
N LEU B 204 29.11 -4.21 -12.32
CA LEU B 204 28.68 -4.53 -10.97
C LEU B 204 29.84 -4.36 -9.99
N GLU B 205 31.05 -4.72 -10.45
CA GLU B 205 32.18 -4.66 -9.48
C GLU B 205 32.58 -3.22 -9.17
N VAL B 206 32.46 -2.31 -10.16
CA VAL B 206 32.69 -0.86 -9.96
C VAL B 206 31.76 -0.40 -8.82
N VAL B 207 30.48 -0.75 -8.91
CA VAL B 207 29.58 -0.28 -7.87
C VAL B 207 29.84 -0.91 -6.53
N ALA B 208 30.00 -2.23 -6.51
CA ALA B 208 30.28 -2.99 -5.30
C ALA B 208 31.56 -2.45 -4.58
N ASN B 209 32.62 -2.25 -5.35
CA ASN B 209 33.90 -1.75 -4.75
C ASN B 209 33.70 -0.42 -4.08
N LEU B 210 32.96 0.51 -4.71
CA LEU B 210 32.75 1.84 -4.11
C LEU B 210 31.82 1.76 -2.90
N CYS B 211 30.83 0.88 -2.91
CA CYS B 211 29.94 0.74 -1.74
C CYS B 211 30.72 0.23 -0.54
N LYS B 212 31.67 -0.68 -0.79
CA LYS B 212 32.47 -1.24 0.29
C LYS B 212 33.48 -0.19 0.75
N LYS B 213 34.08 0.56 -0.17
CA LYS B 213 35.04 1.62 0.23
C LYS B 213 34.37 2.66 1.12
N TRP B 214 33.13 3.09 0.76
CA TRP B 214 32.49 4.25 1.40
C TRP B 214 31.39 3.88 2.37
N ASN B 215 31.23 2.59 2.60
CA ASN B 215 30.18 2.09 3.47
C ASN B 215 28.77 2.59 3.05
N VAL B 216 28.43 2.26 1.81
CA VAL B 216 27.20 2.73 1.17
C VAL B 216 26.28 1.51 0.98
N LEU B 217 24.95 1.72 1.13
CA LEU B 217 23.92 0.72 0.88
C LEU B 217 23.59 0.69 -0.61
N CYS B 218 23.64 -0.49 -1.21
CA CYS B 218 23.24 -0.64 -2.62
C CYS B 218 21.80 -1.16 -2.66
N VAL B 219 20.92 -0.37 -3.33
CA VAL B 219 19.54 -0.81 -3.58
C VAL B 219 19.46 -1.23 -5.03
N SER B 220 19.11 -2.50 -5.27
CA SER B 220 19.11 -3.05 -6.63
C SER B 220 17.70 -3.40 -7.05
N ASP B 221 17.23 -2.60 -8.02
CA ASP B 221 15.85 -2.71 -8.55
C ASP B 221 15.95 -3.72 -9.68
N GLU B 222 15.52 -4.96 -9.39
CA GLU B 222 15.71 -6.09 -10.30
C GLU B 222 14.37 -6.63 -10.81
N VAL B 223 13.40 -5.72 -10.99
CA VAL B 223 12.07 -6.22 -11.41
C VAL B 223 12.10 -7.01 -12.72
N TYR B 224 13.05 -6.65 -13.64
CA TYR B 224 13.11 -7.32 -14.97
C TYR B 224 14.09 -8.46 -14.98
N GLU B 225 14.41 -8.97 -13.79
CA GLU B 225 15.42 -10.04 -13.61
C GLU B 225 15.28 -11.26 -14.52
N HIS B 226 14.06 -11.64 -14.90
CA HIS B 226 13.84 -12.85 -15.70
C HIS B 226 13.83 -12.58 -17.20
N MET B 227 14.03 -11.34 -17.63
CA MET B 227 13.79 -10.94 -19.06
C MET B 227 15.10 -10.64 -19.78
N VAL B 228 16.19 -11.27 -19.36
CA VAL B 228 17.47 -11.04 -20.08
C VAL B 228 17.51 -11.89 -21.39
N PHE B 229 17.96 -11.31 -22.47
CA PHE B 229 18.09 -12.03 -23.74
C PHE B 229 19.47 -12.65 -23.86
N GLU B 230 19.49 -13.86 -24.44
CA GLU B 230 20.77 -14.42 -24.89
C GLU B 230 21.49 -13.44 -25.82
N PRO B 231 22.82 -13.30 -25.73
CA PRO B 231 23.68 -14.14 -24.84
C PRO B 231 24.02 -13.55 -23.49
N PHE B 232 23.19 -12.63 -23.01
CA PHE B 232 23.48 -11.93 -21.77
C PHE B 232 22.92 -12.69 -20.58
N GLU B 233 23.25 -12.22 -19.38
CA GLU B 233 22.85 -12.94 -18.17
C GLU B 233 22.61 -11.98 -17.05
N HIS B 234 21.50 -12.15 -16.31
CA HIS B 234 21.28 -11.31 -15.12
C HIS B 234 22.23 -11.81 -14.01
N ILE B 235 22.99 -10.87 -13.46
CA ILE B 235 23.80 -11.16 -12.24
C ILE B 235 23.24 -10.28 -11.13
N ARG B 236 23.04 -10.89 -9.96
CA ARG B 236 22.53 -10.20 -8.76
C ARG B 236 23.72 -9.64 -7.97
N ILE B 237 23.77 -8.31 -7.85
CA ILE B 237 24.88 -7.66 -7.09
C ILE B 237 25.00 -8.14 -5.63
N CYS B 238 23.92 -8.63 -5.03
CA CYS B 238 23.96 -9.09 -3.65
C CYS B 238 24.81 -10.34 -3.51
N THR B 239 25.21 -10.97 -4.62
CA THR B 239 26.04 -12.18 -4.59
C THR B 239 27.51 -11.83 -4.67
N LEU B 240 27.87 -10.57 -4.92
CA LEU B 240 29.28 -10.20 -5.04
C LEU B 240 29.95 -10.17 -3.67
N PRO B 241 31.29 -10.38 -3.64
CA PRO B 241 31.91 -10.51 -2.32
C PRO B 241 31.59 -9.29 -1.46
N GLY B 242 31.21 -9.52 -0.22
CA GLY B 242 30.97 -8.46 0.75
C GLY B 242 29.68 -7.66 0.54
N MET B 243 28.85 -8.09 -0.44
CA MET B 243 27.69 -7.26 -0.84
C MET B 243 26.40 -7.65 -0.16
N TRP B 244 26.27 -8.90 0.27
CA TRP B 244 25.06 -9.29 1.01
C TRP B 244 24.71 -8.35 2.18
N GLU B 245 25.67 -8.05 3.01
CA GLU B 245 25.43 -7.23 4.19
C GLU B 245 25.02 -5.81 3.86
N ARG B 246 25.22 -5.35 2.62
CA ARG B 246 24.91 -3.98 2.27
C ARG B 246 24.06 -3.79 1.00
N THR B 247 23.30 -4.81 0.67
CA THR B 247 22.40 -4.75 -0.50
C THR B 247 20.95 -5.04 -0.11
N ILE B 248 20.00 -4.26 -0.68
CA ILE B 248 18.57 -4.60 -0.63
C ILE B 248 18.17 -4.81 -2.09
N THR B 249 17.60 -5.98 -2.36
CA THR B 249 17.20 -6.33 -3.75
C THR B 249 15.69 -6.34 -3.84
N ILE B 250 15.20 -5.78 -4.96
CA ILE B 250 13.76 -5.57 -5.14
C ILE B 250 13.28 -6.31 -6.38
N GLY B 251 12.09 -6.91 -6.27
CA GLY B 251 11.43 -7.59 -7.39
C GLY B 251 9.93 -7.26 -7.40
N SER B 252 9.23 -7.74 -8.39
CA SER B 252 7.84 -7.41 -8.61
C SER B 252 7.10 -8.60 -9.19
N ALA B 253 5.94 -8.93 -8.63
CA ALA B 253 5.11 -10.00 -9.20
C ALA B 253 4.48 -9.55 -10.49
N GLY B 254 4.17 -8.26 -10.57
CA GLY B 254 3.69 -7.63 -11.81
C GLY B 254 4.60 -7.88 -12.99
N1 LLP B 255 10.96 -0.32 -10.86
C2 LLP B 255 11.07 -0.36 -12.21
C2' LLP B 255 12.43 -0.24 -12.84
C3 LLP B 255 9.91 -0.45 -13.07
O3 LLP B 255 10.06 -0.42 -14.39
C4 LLP B 255 8.59 -0.53 -12.47
C4' LLP B 255 7.36 -0.75 -13.32
C5 LLP B 255 8.60 -0.51 -10.98
C6 LLP B 255 9.77 -0.39 -10.27
C5' LLP B 255 7.30 -0.62 -10.25
OP4 LLP B 255 6.88 -1.94 -10.22
P LLP B 255 5.45 -2.37 -9.52
OP1 LLP B 255 5.16 -1.41 -8.37
OP2 LLP B 255 4.40 -2.14 -10.57
OP3 LLP B 255 5.65 -3.75 -9.08
N LLP B 255 5.91 -7.80 -12.76
CA LLP B 255 6.88 -8.02 -13.84
CB LLP B 255 8.07 -7.08 -13.68
CG LLP B 255 7.69 -5.59 -13.41
CD LLP B 255 6.74 -4.88 -14.37
CE LLP B 255 6.50 -3.32 -14.22
NZ LLP B 255 7.43 -2.23 -13.65
C LLP B 255 7.21 -9.48 -13.93
O LLP B 255 7.31 -10.02 -15.05
N THR B 256 7.35 -10.21 -12.81
CA THR B 256 7.65 -11.65 -12.89
C THR B 256 6.57 -12.49 -13.60
N PHE B 257 5.32 -12.14 -13.33
CA PHE B 257 4.22 -12.99 -13.86
C PHE B 257 3.38 -12.23 -14.86
N SER B 258 3.83 -11.00 -15.28
CA SER B 258 3.09 -10.23 -16.30
C SER B 258 1.68 -9.88 -15.90
N LEU B 259 1.55 -9.52 -14.63
CA LEU B 259 0.25 -9.21 -14.01
C LEU B 259 0.38 -7.88 -13.30
N THR B 260 0.54 -6.83 -14.10
CA THR B 260 0.90 -5.52 -13.53
C THR B 260 -0.16 -4.94 -12.62
N GLY B 261 -1.41 -5.35 -12.82
CA GLY B 261 -2.50 -4.87 -11.99
C GLY B 261 -2.56 -5.56 -10.64
N TRP B 262 -1.65 -6.51 -10.37
CA TRP B 262 -1.70 -7.16 -9.06
C TRP B 262 -0.97 -6.36 -7.98
N LYS B 263 0.05 -5.60 -8.38
CA LYS B 263 0.75 -4.67 -7.46
C LYS B 263 1.20 -5.35 -6.18
N ILE B 264 2.02 -6.38 -6.33
CA ILE B 264 2.74 -7.01 -5.24
C ILE B 264 4.18 -7.15 -5.61
N GLY B 265 5.07 -6.70 -4.74
CA GLY B 265 6.49 -6.87 -4.99
C GLY B 265 7.17 -7.26 -3.68
N TRP B 266 8.50 -7.16 -3.64
CA TRP B 266 9.22 -7.60 -2.46
C TRP B 266 10.61 -6.97 -2.41
N ALA B 267 11.12 -6.87 -1.21
CA ALA B 267 12.54 -6.59 -0.95
C ALA B 267 13.09 -7.80 -0.19
N TYR B 268 14.33 -8.16 -0.50
CA TYR B 268 15.04 -9.12 0.31
C TYR B 268 16.47 -8.66 0.58
N GLY B 269 17.04 -9.16 1.66
CA GLY B 269 18.38 -8.76 2.10
C GLY B 269 18.51 -9.04 3.58
N PRO B 270 19.66 -8.59 4.17
CA PRO B 270 19.95 -9.02 5.56
C PRO B 270 18.98 -8.43 6.56
N GLU B 271 18.69 -9.21 7.59
CA GLU B 271 17.75 -8.80 8.60
C GLU B 271 18.01 -7.37 9.08
N ALA B 272 19.27 -7.03 9.32
CA ALA B 272 19.59 -5.70 9.85
C ALA B 272 19.06 -4.53 8.97
N LEU B 273 19.08 -4.75 7.64
CA LEU B 273 18.64 -3.70 6.72
C LEU B 273 17.15 -3.75 6.52
N LEU B 274 16.57 -4.92 6.64
CA LEU B 274 15.13 -5.13 6.38
C LEU B 274 14.26 -4.61 7.50
N LYS B 275 14.81 -4.57 8.72
CA LYS B 275 14.07 -4.00 9.87
C LYS B 275 13.54 -2.60 9.60
N ASN B 276 14.35 -1.73 8.98
CA ASN B 276 13.97 -0.36 8.70
C ASN B 276 12.77 -0.39 7.75
N LEU B 277 12.83 -1.30 6.75
CA LEU B 277 11.78 -1.29 5.71
C LEU B 277 10.47 -1.73 6.36
N GLN B 278 10.55 -2.72 7.26
CA GLN B 278 9.39 -3.19 8.00
C GLN B 278 8.69 -2.08 8.75
N MET B 279 9.45 -1.23 9.43
CA MET B 279 8.85 -0.11 10.15
C MET B 279 8.15 0.87 9.25
N VAL B 280 8.75 1.21 8.11
CA VAL B 280 8.05 2.12 7.22
C VAL B 280 6.75 1.43 6.70
N HIS B 281 6.88 0.21 6.21
CA HIS B 281 5.72 -0.52 5.67
C HIS B 281 4.58 -0.61 6.64
N GLN B 282 4.93 -0.93 7.88
CA GLN B 282 3.96 -1.12 8.93
C GLN B 282 3.14 0.14 9.16
N ASN B 283 3.78 1.28 8.95
CA ASN B 283 3.15 2.55 9.22
C ASN B 283 2.71 3.28 7.97
N CYS B 284 2.58 2.51 6.89
CA CYS B 284 2.20 3.05 5.58
C CYS B 284 0.95 2.35 5.04
N VAL B 285 1.05 1.04 4.81
CA VAL B 285 -0.11 0.24 4.39
C VAL B 285 -0.45 -0.89 5.37
N TYR B 286 0.50 -1.27 6.24
CA TYR B 286 0.37 -2.37 7.22
C TYR B 286 0.48 -3.75 6.60
N THR B 287 -0.41 -4.07 5.65
CA THR B 287 -0.46 -5.39 5.08
C THR B 287 -0.89 -5.31 3.63
N CYS B 288 -0.66 -6.37 2.86
CA CYS B 288 -1.05 -6.32 1.41
C CYS B 288 -2.15 -7.34 1.15
N ALA B 289 -2.73 -7.31 -0.04
CA ALA B 289 -3.91 -8.09 -0.32
C ALA B 289 -3.65 -9.62 -0.18
N THR B 290 -4.54 -10.25 0.58
CA THR B 290 -4.40 -11.72 0.86
C THR B 290 -4.57 -12.61 -0.35
N PRO B 291 -5.65 -12.49 -1.08
CA PRO B 291 -5.84 -13.50 -2.18
C PRO B 291 -4.84 -13.33 -3.28
N ILE B 292 -4.38 -12.09 -3.50
CA ILE B 292 -3.35 -11.88 -4.51
C ILE B 292 -2.04 -12.50 -4.08
N GLN B 293 -1.64 -12.32 -2.83
CA GLN B 293 -0.41 -12.96 -2.35
C GLN B 293 -0.50 -14.49 -2.40
N GLU B 294 -1.67 -15.05 -2.09
CA GLU B 294 -1.88 -16.50 -2.18
C GLU B 294 -1.67 -16.95 -3.61
N ALA B 295 -2.31 -16.26 -4.55
CA ALA B 295 -2.17 -16.66 -5.98
C ALA B 295 -0.72 -16.57 -6.46
N ILE B 296 -0.01 -15.51 -6.09
CA ILE B 296 1.40 -15.39 -6.43
C ILE B 296 2.24 -16.51 -5.78
N ALA B 297 1.95 -16.85 -4.54
CA ALA B 297 2.63 -18.00 -3.89
C ALA B 297 2.42 -19.30 -4.67
N VAL B 298 1.19 -19.52 -5.12
CA VAL B 298 0.89 -20.71 -5.97
C VAL B 298 1.69 -20.62 -7.26
N GLY B 299 1.79 -19.44 -7.85
CA GLY B 299 2.58 -19.26 -9.06
C GLY B 299 4.03 -19.62 -8.80
N PHE B 300 4.59 -19.16 -7.70
CA PHE B 300 6.01 -19.50 -7.42
C PHE B 300 6.15 -20.98 -7.16
N GLU B 301 5.17 -21.60 -6.48
CA GLU B 301 5.30 -23.04 -6.19
C GLU B 301 5.20 -23.83 -7.50
N THR B 302 4.42 -23.29 -8.43
CA THR B 302 4.25 -23.92 -9.75
C THR B 302 5.62 -23.92 -10.46
N GLU B 303 6.28 -22.78 -10.49
CA GLU B 303 7.55 -22.63 -11.23
C GLU B 303 8.74 -23.32 -10.52
N LEU B 304 8.67 -23.40 -9.18
CA LEU B 304 9.76 -24.01 -8.39
C LEU B 304 9.94 -25.48 -8.74
N LYS B 305 8.87 -26.09 -9.24
CA LYS B 305 8.87 -27.48 -9.67
C LYS B 305 9.49 -27.70 -11.04
N ARG B 306 9.80 -26.62 -11.78
CA ARG B 306 10.24 -26.78 -13.22
C ARG B 306 11.23 -25.69 -13.63
N LEU B 307 12.11 -25.27 -12.72
CA LEU B 307 13.02 -24.14 -12.94
C LEU B 307 13.91 -24.19 -14.18
N LYS B 308 14.24 -25.37 -14.65
CA LYS B 308 15.09 -25.34 -15.85
C LYS B 308 14.32 -25.76 -17.13
N SER B 309 12.98 -25.83 -17.05
CA SER B 309 12.16 -26.27 -18.15
C SER B 309 11.99 -25.10 -19.13
N PRO B 310 11.91 -25.41 -20.44
CA PRO B 310 11.52 -24.37 -21.40
C PRO B 310 10.08 -23.83 -21.17
N GLU B 311 9.25 -24.60 -20.45
CA GLU B 311 7.91 -24.17 -20.10
C GLU B 311 7.85 -23.25 -18.86
N CYS B 312 8.94 -23.19 -18.08
CA CYS B 312 9.02 -22.30 -16.91
C CYS B 312 8.91 -20.87 -17.42
N TYR B 313 7.93 -20.12 -16.88
CA TYR B 313 7.77 -18.73 -17.32
C TYR B 313 8.98 -17.80 -17.12
N PHE B 314 9.81 -18.12 -16.13
CA PHE B 314 11.03 -17.35 -15.89
C PHE B 314 12.01 -17.56 -17.06
N ASN B 315 11.89 -18.70 -17.73
CA ASN B 315 12.74 -19.08 -18.86
C ASN B 315 12.14 -18.75 -20.19
N SER B 316 10.80 -18.81 -20.28
CA SER B 316 10.17 -18.62 -21.59
C SER B 316 9.94 -17.15 -22.00
N ILE B 317 9.76 -16.26 -21.00
CA ILE B 317 9.44 -14.86 -21.32
C ILE B 317 10.52 -14.24 -22.23
N SER B 318 11.82 -14.55 -22.01
CA SER B 318 12.85 -13.96 -22.86
C SER B 318 12.69 -14.35 -24.33
N GLY B 319 12.48 -15.65 -24.58
CA GLY B 319 12.30 -16.09 -25.98
C GLY B 319 11.09 -15.44 -26.62
N GLU B 320 10.03 -15.26 -25.82
CA GLU B 320 8.83 -14.65 -26.31
C GLU B 320 9.05 -13.24 -26.70
N LEU B 321 9.73 -12.50 -25.82
CA LEU B 321 10.01 -11.12 -26.05
C LEU B 321 11.07 -10.86 -27.12
N MET B 322 12.02 -11.79 -27.29
CA MET B 322 13.18 -11.48 -28.20
C MET B 322 12.70 -11.25 -29.62
N ALA B 323 11.78 -12.10 -30.10
CA ALA B 323 11.28 -11.88 -31.46
C ALA B 323 10.58 -10.54 -31.66
N LYS B 324 9.85 -10.11 -30.62
CA LYS B 324 9.19 -8.84 -30.63
C LYS B 324 10.19 -7.66 -30.59
N ARG B 325 11.24 -7.80 -29.77
CA ARG B 325 12.30 -6.80 -29.69
C ARG B 325 12.91 -6.62 -31.08
N ASP B 326 13.21 -7.74 -31.74
CA ASP B 326 13.93 -7.63 -33.02
C ASP B 326 13.02 -7.03 -34.09
N TYR B 327 11.74 -7.43 -34.05
CA TYR B 327 10.76 -6.85 -34.94
C TYR B 327 10.67 -5.33 -34.77
N MET B 328 10.55 -4.84 -33.51
CA MET B 328 10.51 -3.39 -33.27
C MET B 328 11.81 -2.65 -33.66
N ALA B 329 12.98 -3.21 -33.33
CA ALA B 329 14.24 -2.52 -33.71
C ALA B 329 14.27 -2.38 -35.23
N SER B 330 13.75 -3.40 -35.92
CA SER B 330 13.79 -3.36 -37.40
C SER B 330 12.87 -2.27 -37.96
N PHE B 331 11.64 -2.18 -37.47
CA PHE B 331 10.75 -1.15 -37.96
C PHE B 331 11.10 0.29 -37.53
N LEU B 332 11.67 0.43 -36.34
CA LEU B 332 12.15 1.73 -35.94
C LEU B 332 13.33 2.20 -36.77
N ALA B 333 14.28 1.30 -37.01
CA ALA B 333 15.40 1.61 -37.91
C ALA B 333 14.86 1.89 -39.33
N GLU B 334 13.83 1.15 -39.79
CA GLU B 334 13.35 1.33 -41.18
C GLU B 334 12.79 2.73 -41.42
N VAL B 335 12.06 3.26 -40.44
CA VAL B 335 11.45 4.62 -40.53
C VAL B 335 12.45 5.79 -40.32
N GLY B 336 13.68 5.48 -39.88
CA GLY B 336 14.75 6.47 -39.71
C GLY B 336 15.19 6.79 -38.28
N MET B 337 14.60 6.11 -37.30
CA MET B 337 15.10 6.22 -35.94
C MET B 337 16.36 5.37 -35.78
N ASN B 338 17.09 5.61 -34.70
CA ASN B 338 18.24 4.78 -34.37
C ASN B 338 17.97 4.12 -33.03
N PRO B 339 17.57 2.84 -33.05
CA PRO B 339 17.21 2.21 -31.78
C PRO B 339 18.39 1.69 -30.99
N THR B 340 18.25 1.74 -29.66
CA THR B 340 19.12 1.00 -28.77
C THR B 340 18.50 -0.39 -28.51
N VAL B 341 19.16 -1.42 -29.00
CA VAL B 341 18.61 -2.76 -28.83
C VAL B 341 18.86 -3.22 -27.40
N PRO B 342 17.80 -3.48 -26.62
CA PRO B 342 17.98 -3.82 -25.21
C PRO B 342 18.53 -5.19 -24.98
N GLN B 343 19.36 -5.33 -23.94
CA GLN B 343 19.86 -6.63 -23.53
C GLN B 343 18.85 -7.43 -22.70
N GLY B 344 17.83 -6.76 -22.17
CA GLY B 344 16.80 -7.43 -21.37
C GLY B 344 15.60 -6.49 -21.29
N GLY B 345 14.48 -7.04 -20.87
CA GLY B 345 13.28 -6.20 -20.69
C GLY B 345 12.44 -6.02 -21.94
N TYR B 346 11.44 -5.19 -21.80
CA TYR B 346 10.49 -5.05 -22.88
C TYR B 346 10.31 -3.59 -23.35
N PHE B 347 11.30 -2.75 -23.04
CA PHE B 347 11.36 -1.39 -23.53
C PHE B 347 12.50 -1.19 -24.52
N MET B 348 12.27 -0.30 -25.44
CA MET B 348 13.30 0.15 -26.37
C MET B 348 13.28 1.66 -26.47
N VAL B 349 14.45 2.27 -26.27
CA VAL B 349 14.70 3.67 -26.56
C VAL B 349 15.24 3.81 -28.00
N ALA B 350 14.80 4.85 -28.68
CA ALA B 350 15.29 5.16 -30.04
C ALA B 350 15.44 6.65 -30.19
N ASP B 351 16.49 7.02 -30.90
CA ASP B 351 16.75 8.43 -31.22
C ASP B 351 15.92 8.78 -32.49
N TRP B 352 14.88 9.59 -32.31
CA TRP B 352 14.01 10.04 -33.41
C TRP B 352 14.49 11.36 -34.10
N SER B 353 15.62 11.90 -33.66
CA SER B 353 15.97 13.30 -34.02
C SER B 353 16.25 13.52 -35.50
N SER B 354 16.78 12.51 -36.21
CA SER B 354 16.95 12.62 -37.66
C SER B 354 15.60 12.71 -38.45
N LEU B 355 14.48 12.55 -37.73
CA LEU B 355 13.15 12.78 -38.27
C LEU B 355 12.60 14.15 -37.87
N ALA B 367 7.39 22.04 -24.01
CA ALA B 367 8.53 22.39 -23.09
C ALA B 367 9.85 21.64 -23.43
N ARG B 368 9.89 20.33 -23.16
CA ARG B 368 10.98 19.46 -23.67
C ARG B 368 10.45 18.74 -24.91
N LYS B 369 11.34 18.60 -25.87
CA LYS B 369 11.06 18.12 -27.24
C LYS B 369 10.40 16.74 -27.26
N ASP B 370 10.85 15.84 -26.39
CA ASP B 370 10.32 14.48 -26.45
C ASP B 370 8.92 14.40 -25.89
N TYR B 371 8.55 15.29 -24.95
CA TYR B 371 7.15 15.46 -24.52
C TYR B 371 6.26 15.90 -25.68
N ARG B 372 6.79 16.82 -26.48
CA ARG B 372 5.98 17.39 -27.54
C ARG B 372 5.82 16.35 -28.65
N PHE B 373 6.89 15.55 -28.88
CA PHE B 373 6.88 14.46 -29.87
C PHE B 373 5.92 13.33 -29.50
N THR B 374 6.05 12.81 -28.31
CA THR B 374 5.14 11.75 -27.90
C THR B 374 3.66 12.20 -27.85
N LYS B 375 3.44 13.45 -27.46
CA LYS B 375 2.08 13.97 -27.39
C LYS B 375 1.52 14.18 -28.79
N TRP B 376 2.34 14.72 -29.71
CA TRP B 376 1.96 14.85 -31.11
C TRP B 376 1.55 13.52 -31.72
N MET B 377 2.42 12.51 -31.50
CA MET B 377 2.14 11.20 -32.03
C MET B 377 0.87 10.57 -31.51
N THR B 378 0.63 10.67 -30.20
CA THR B 378 -0.60 10.13 -29.64
C THR B 378 -1.80 10.79 -30.32
N LYS B 379 -1.81 12.12 -30.35
CA LYS B 379 -3.00 12.86 -30.82
C LYS B 379 -3.19 12.83 -32.35
N SER B 380 -2.10 12.83 -33.11
CA SER B 380 -2.19 12.93 -34.59
C SER B 380 -2.22 11.57 -35.32
N VAL B 381 -1.38 10.61 -34.88
CA VAL B 381 -1.32 9.27 -35.54
C VAL B 381 -1.77 8.12 -34.65
N GLY B 382 -2.11 8.38 -33.40
CA GLY B 382 -2.66 7.32 -32.53
C GLY B 382 -1.68 6.22 -32.10
N LEU B 383 -0.44 6.64 -31.79
CA LEU B 383 0.64 5.76 -31.37
C LEU B 383 1.37 6.39 -30.18
N GLN B 384 1.19 5.83 -28.98
CA GLN B 384 1.71 6.42 -27.75
C GLN B 384 3.06 5.75 -27.39
N GLY B 385 4.11 6.59 -27.23
CA GLY B 385 5.32 6.22 -26.51
C GLY B 385 5.52 7.13 -25.28
N ILE B 386 6.69 7.01 -24.66
CA ILE B 386 7.01 7.73 -23.40
C ILE B 386 8.21 8.68 -23.64
N PRO B 387 8.15 9.92 -23.09
CA PRO B 387 9.26 10.86 -23.21
C PRO B 387 10.43 10.61 -22.22
N PRO B 388 11.63 10.21 -22.72
CA PRO B 388 12.63 9.75 -21.76
C PRO B 388 13.24 10.88 -20.95
N SER B 389 13.06 12.13 -21.35
CA SER B 389 13.41 13.23 -20.42
C SER B 389 12.72 13.17 -19.06
N ALA B 390 11.58 12.47 -18.94
CA ALA B 390 10.97 12.22 -17.64
C ALA B 390 11.87 11.43 -16.69
N PHE B 391 12.93 10.82 -17.23
CA PHE B 391 13.78 9.97 -16.42
C PHE B 391 15.17 10.60 -16.15
N TYR B 392 15.25 11.91 -16.36
CA TYR B 392 16.48 12.65 -16.06
C TYR B 392 16.21 13.76 -15.03
N SER B 393 17.26 14.04 -14.26
CA SER B 393 17.30 15.27 -13.41
C SER B 393 17.10 16.49 -14.28
N GLU B 394 16.58 17.56 -13.68
CA GLU B 394 16.31 18.82 -14.41
C GLU B 394 17.51 19.31 -15.26
N PRO B 395 18.75 19.34 -14.68
CA PRO B 395 19.89 19.85 -15.47
C PRO B 395 20.27 18.94 -16.65
N ASN B 396 19.82 17.68 -16.60
CA ASN B 396 20.25 16.71 -17.61
C ASN B 396 19.18 16.27 -18.58
N LYS B 397 18.03 16.92 -18.50
CA LYS B 397 16.88 16.53 -19.35
C LYS B 397 17.16 16.64 -20.82
N HIS B 398 18.03 17.57 -21.21
CA HIS B 398 18.44 17.68 -22.59
C HIS B 398 19.06 16.38 -23.15
N LEU B 399 19.56 15.49 -22.30
CA LEU B 399 20.14 14.22 -22.75
C LEU B 399 19.07 13.25 -23.29
N GLY B 400 17.82 13.43 -22.85
CA GLY B 400 16.71 12.54 -23.27
C GLY B 400 15.81 13.06 -24.36
N GLU B 401 16.01 14.33 -24.77
CA GLU B 401 15.04 15.05 -25.62
C GLU B 401 14.92 14.51 -27.04
N ASP B 402 15.99 13.88 -27.53
CA ASP B 402 16.01 13.35 -28.88
C ASP B 402 15.53 11.91 -28.91
N PHE B 403 15.09 11.37 -27.78
CA PHE B 403 14.74 9.94 -27.69
C PHE B 403 13.25 9.72 -27.46
N VAL B 404 12.83 8.48 -27.65
CA VAL B 404 11.48 8.04 -27.32
C VAL B 404 11.60 6.63 -26.76
N ARG B 405 10.73 6.26 -25.82
CA ARG B 405 10.69 4.91 -25.26
C ARG B 405 9.42 4.22 -25.75
N TYR B 406 9.54 3.02 -26.32
CA TYR B 406 8.35 2.24 -26.70
C TYR B 406 8.38 0.88 -25.99
N CYS B 407 7.21 0.34 -25.67
CA CYS B 407 7.12 -1.01 -25.11
C CYS B 407 6.74 -1.99 -26.22
N PHE B 408 7.45 -3.10 -26.29
CA PHE B 408 7.14 -4.12 -27.32
C PHE B 408 6.55 -5.44 -26.77
N PHE B 409 6.06 -5.41 -25.52
CA PHE B 409 5.31 -6.54 -24.93
C PHE B 409 3.88 -6.52 -25.39
N LYS B 410 3.67 -6.79 -26.68
CA LYS B 410 2.35 -6.66 -27.28
C LYS B 410 2.11 -7.79 -28.25
N LYS B 411 0.83 -8.11 -28.45
CA LYS B 411 0.44 -9.10 -29.45
C LYS B 411 1.12 -8.68 -30.77
N ASP B 412 1.53 -9.68 -31.52
CA ASP B 412 2.15 -9.38 -32.82
C ASP B 412 1.27 -8.52 -33.75
N GLU B 413 -0.04 -8.76 -33.79
CA GLU B 413 -0.90 -7.92 -34.62
C GLU B 413 -0.78 -6.44 -34.24
N ASN B 414 -0.52 -6.13 -32.96
CA ASN B 414 -0.36 -4.74 -32.57
C ASN B 414 1.02 -4.17 -32.84
N LEU B 415 2.05 -5.01 -32.79
CA LEU B 415 3.37 -4.59 -33.28
C LEU B 415 3.31 -4.32 -34.77
N GLN B 416 2.56 -5.18 -35.49
CA GLN B 416 2.37 -4.90 -36.94
C GLN B 416 1.67 -3.60 -37.16
N LYS B 417 0.65 -3.33 -36.33
CA LYS B 417 -0.12 -2.10 -36.47
C LYS B 417 0.82 -0.92 -36.22
N ALA B 418 1.71 -1.03 -35.23
CA ALA B 418 2.65 0.09 -35.03
C ALA B 418 3.57 0.33 -36.23
N ALA B 419 4.12 -0.76 -36.76
CA ALA B 419 4.94 -0.75 -37.99
C ALA B 419 4.21 -0.07 -39.12
N GLU B 420 2.94 -0.39 -39.31
CA GLU B 420 2.17 0.20 -40.37
C GLU B 420 1.84 1.69 -40.11
N ILE B 421 1.52 2.07 -38.86
CA ILE B 421 1.25 3.49 -38.49
C ILE B 421 2.50 4.29 -38.80
N LEU B 422 3.68 3.76 -38.48
CA LEU B 422 4.91 4.52 -38.69
C LEU B 422 5.29 4.56 -40.17
N ARG B 423 5.12 3.44 -40.89
CA ARG B 423 5.38 3.33 -42.34
C ARG B 423 4.54 4.34 -43.13
N LYS B 424 3.26 4.46 -42.78
CA LYS B 424 2.39 5.35 -43.50
C LYS B 424 2.70 6.83 -43.12
N TRP B 425 3.00 7.09 -41.83
CA TRP B 425 3.37 8.44 -41.32
C TRP B 425 4.61 9.01 -42.01
N LYS B 426 5.57 8.13 -42.24
CA LYS B 426 6.72 8.38 -43.10
C LYS B 426 6.28 8.80 -44.51
BR BR C . -29.66 -2.65 14.11
BR BR D . -25.12 -12.77 -2.70
BR BR E . -17.95 24.41 3.09
BR BR F . -23.87 23.53 13.12
BR BR G . -5.34 -12.08 17.35
BR BR H . -27.35 15.63 19.42
BR BR I . 2.35 -11.18 12.28
C1 GOL J . -4.93 -22.67 25.96
O1 GOL J . -3.90 -23.24 25.09
C2 GOL J . -5.71 -23.83 26.66
O2 GOL J . -6.36 -24.61 25.65
C3 GOL J . -6.74 -23.22 27.59
O3 GOL J . -7.53 -24.19 28.32
BR BR K . 16.42 -15.08 -25.36
BR BR L . 28.46 -9.99 3.19
BR BR M . 11.22 15.37 -7.59
BR BR N . 0.73 -8.87 11.47
BR BR O . 1.15 5.23 -21.14
#